data_4IWH
#
_entry.id   4IWH
#
_cell.length_a   141.600
_cell.length_b   60.100
_cell.length_c   103.190
_cell.angle_alpha   90.000
_cell.angle_beta   112.860
_cell.angle_gamma   90.000
#
_symmetry.space_group_name_H-M   'C 1 2 1'
#
loop_
_entity.id
_entity.type
_entity.pdbx_description
1 polymer '3-isopropylmalate dehydrogenase'
2 non-polymer 'MAGNESIUM ION'
3 water water
#
_entity_poly.entity_id   1
_entity_poly.type   'polypeptide(L)'
_entity_poly.pdbx_seq_one_letter_code
;MAHHHHHHMKIAVLPGDGIGPEIVNEAVKVLNALDEKFELEHAPVGGAGYEASGHPLPDATLALAKEADAILFGAVGDWK
YDSLERALRPEQAILGLRKHLELFANFRPAICYPQLVDASPLKPELVAGLDILIVRELNGDIYFGQPRGVRAAPDGPFAG
EREGFDTMRYSEPEVRRIAHVAFQAAQKRAKKLLSVDKSNVLETSQFWRDVMIDVSKEYADVELSHMYVDNAAMQLAKAP
KQFDVIVTGNMFGDILSDEASMLTGSIGMLPSASLDKNNKGLYEPSHGSAPDIAGKGIANPLATILSAAMLLRYSLNRAE
QADRIERAVKTVLEQGYRTGDIATPGCRQVGTAAMGDAVVAAL
;
_entity_poly.pdbx_strand_id   A,B
#
# COMPACT_ATOMS: atom_id res chain seq x y z
N HIS A 6 -5.09 -47.29 -4.53
CA HIS A 6 -4.69 -47.09 -5.95
C HIS A 6 -5.20 -45.77 -6.55
N HIS A 7 -5.78 -44.89 -5.73
CA HIS A 7 -6.19 -43.57 -6.27
C HIS A 7 -5.07 -42.53 -6.21
N HIS A 8 -4.73 -41.99 -7.38
CA HIS A 8 -3.76 -40.91 -7.49
C HIS A 8 -4.43 -39.55 -7.75
N MET A 9 -3.88 -38.49 -7.17
CA MET A 9 -4.34 -37.13 -7.41
C MET A 9 -3.93 -36.75 -8.80
N LYS A 10 -4.75 -35.92 -9.46
CA LYS A 10 -4.50 -35.55 -10.85
C LYS A 10 -4.13 -34.06 -10.89
N ILE A 11 -3.03 -33.74 -11.55
CA ILE A 11 -2.57 -32.33 -11.67
C ILE A 11 -2.53 -32.01 -13.15
N ALA A 12 -3.26 -30.97 -13.56
CA ALA A 12 -3.25 -30.45 -14.91
C ALA A 12 -1.98 -29.61 -15.01
N VAL A 13 -1.08 -29.95 -15.95
CA VAL A 13 0.15 -29.20 -16.17
C VAL A 13 0.01 -28.39 -17.45
N LEU A 14 0.07 -27.06 -17.32
CA LEU A 14 -0.15 -26.13 -18.41
C LEU A 14 1.11 -25.27 -18.54
N PRO A 15 2.05 -25.71 -19.36
CA PRO A 15 3.38 -25.07 -19.34
C PRO A 15 3.36 -23.65 -19.92
N GLY A 16 2.63 -23.47 -21.02
CA GLY A 16 2.58 -22.17 -21.68
C GLY A 16 3.63 -22.00 -22.76
N ASP A 17 4.23 -20.80 -22.78
CA ASP A 17 5.13 -20.36 -23.83
C ASP A 17 6.49 -19.90 -23.25
N GLY A 18 7.54 -20.04 -24.06
CA GLY A 18 8.82 -19.38 -23.78
C GLY A 18 9.52 -19.97 -22.58
N ILE A 19 9.64 -19.20 -21.51
CA ILE A 19 10.20 -19.75 -20.27
C ILE A 19 9.26 -20.75 -19.57
N GLY A 20 7.97 -20.72 -19.91
CA GLY A 20 6.96 -21.52 -19.24
C GLY A 20 7.30 -23.02 -19.21
N PRO A 21 7.53 -23.60 -20.38
CA PRO A 21 7.93 -25.01 -20.44
C PRO A 21 9.25 -25.27 -19.71
N GLU A 22 10.20 -24.34 -19.83
CA GLU A 22 11.52 -24.50 -19.19
C GLU A 22 11.40 -24.65 -17.65
N ILE A 23 10.62 -23.79 -17.04
CA ILE A 23 10.48 -23.77 -15.59
C ILE A 23 9.55 -24.88 -15.08
N VAL A 24 8.45 -25.09 -15.80
CA VAL A 24 7.51 -26.16 -15.42
C VAL A 24 8.14 -27.54 -15.53
N ASN A 25 9.02 -27.73 -16.50
CA ASN A 25 9.76 -29.00 -16.60
C ASN A 25 10.50 -29.30 -15.30
N GLU A 26 10.99 -28.25 -14.63
CA GLU A 26 11.73 -28.46 -13.38
C GLU A 26 10.79 -28.71 -12.21
N ALA A 27 9.64 -28.08 -12.18
CA ALA A 27 8.65 -28.37 -11.13
C ALA A 27 8.13 -29.82 -11.27
N VAL A 28 7.86 -30.21 -12.51
CA VAL A 28 7.46 -31.61 -12.78
C VAL A 28 8.55 -32.60 -12.35
N LYS A 29 9.80 -32.28 -12.66
CA LYS A 29 10.93 -33.08 -12.25
C LYS A 29 10.97 -33.26 -10.74
N VAL A 30 10.76 -32.17 -9.98
CA VAL A 30 10.77 -32.24 -8.53
C VAL A 30 9.56 -33.07 -8.03
N LEU A 31 8.37 -32.83 -8.58
CA LEU A 31 7.20 -33.64 -8.22
C LEU A 31 7.45 -35.13 -8.46
N ASN A 32 8.03 -35.46 -9.60
CA ASN A 32 8.31 -36.86 -9.94
C ASN A 32 9.41 -37.49 -9.07
N ALA A 33 10.24 -36.67 -8.41
CA ALA A 33 11.30 -37.17 -7.54
C ALA A 33 10.78 -37.60 -6.17
N LEU A 34 9.57 -37.16 -5.82
CA LEU A 34 8.93 -37.52 -4.59
C LEU A 34 8.52 -38.99 -4.64
N ASP A 35 8.10 -39.51 -3.50
CA ASP A 35 7.76 -40.93 -3.34
C ASP A 35 6.38 -41.27 -3.88
N GLU A 36 5.41 -40.40 -3.60
CA GLU A 36 4.03 -40.59 -4.07
C GLU A 36 3.90 -40.27 -5.53
N LYS A 37 3.19 -41.11 -6.26
CA LYS A 37 2.96 -40.92 -7.69
C LYS A 37 1.75 -40.01 -7.84
N PHE A 38 1.83 -39.11 -8.80
CA PHE A 38 0.72 -38.21 -9.17
C PHE A 38 0.42 -38.42 -10.65
N GLU A 39 -0.83 -38.26 -11.03
CA GLU A 39 -1.21 -38.27 -12.41
C GLU A 39 -1.00 -36.84 -12.96
N LEU A 40 0.10 -36.64 -13.69
CA LEU A 40 0.43 -35.34 -14.28
C LEU A 40 -0.04 -35.44 -15.72
N GLU A 41 -0.95 -34.57 -16.12
CA GLU A 41 -1.42 -34.60 -17.50
C GLU A 41 -1.20 -33.21 -18.09
N HIS A 42 -0.49 -33.14 -19.22
CA HIS A 42 -0.15 -31.89 -19.86
C HIS A 42 -1.20 -31.48 -20.85
N ALA A 43 -1.35 -30.16 -21.03
CA ALA A 43 -2.19 -29.60 -22.10
C ALA A 43 -1.66 -28.24 -22.51
N PRO A 44 -1.82 -27.87 -23.77
CA PRO A 44 -1.29 -26.57 -24.23
C PRO A 44 -2.14 -25.36 -23.78
N VAL A 45 -1.48 -24.23 -23.53
CA VAL A 45 -2.16 -23.03 -23.12
C VAL A 45 -1.38 -21.85 -23.65
N GLY A 46 -2.04 -20.73 -23.87
CA GLY A 46 -1.38 -19.52 -24.35
C GLY A 46 -1.12 -19.61 -25.83
N GLY A 47 0.04 -19.18 -26.26
CA GLY A 47 0.43 -19.30 -27.66
C GLY A 47 0.46 -20.72 -28.14
N ALA A 48 0.88 -21.64 -27.28
CA ALA A 48 0.86 -23.06 -27.63
C ALA A 48 -0.57 -23.54 -27.86
N GLY A 49 -1.49 -23.02 -27.09
CA GLY A 49 -2.93 -23.31 -27.30
C GLY A 49 -3.41 -22.79 -28.64
N TYR A 50 -2.97 -21.58 -29.00
CA TYR A 50 -3.29 -21.02 -30.29
C TYR A 50 -2.71 -21.87 -31.43
N GLU A 51 -1.47 -22.31 -31.30
CA GLU A 51 -0.87 -23.12 -32.36
C GLU A 51 -1.63 -24.44 -32.57
N ALA A 52 -2.13 -25.03 -31.48
CA ALA A 52 -2.80 -26.32 -31.54
C ALA A 52 -4.28 -26.22 -32.00
N SER A 53 -4.96 -25.22 -31.48
CA SER A 53 -6.46 -25.15 -31.52
C SER A 53 -7.03 -23.75 -31.81
N GLY A 54 -6.18 -22.77 -32.02
CA GLY A 54 -6.66 -21.43 -32.42
C GLY A 54 -7.15 -20.53 -31.29
N HIS A 55 -6.99 -20.97 -30.05
CA HIS A 55 -7.41 -20.19 -28.90
C HIS A 55 -6.39 -20.36 -27.78
N PRO A 56 -6.11 -19.28 -27.02
CA PRO A 56 -5.20 -19.42 -25.87
C PRO A 56 -5.64 -20.34 -24.76
N LEU A 57 -6.95 -20.60 -24.64
CA LEU A 57 -7.50 -21.60 -23.74
C LEU A 57 -8.37 -22.62 -24.50
N PRO A 58 -7.71 -23.58 -25.19
CA PRO A 58 -8.46 -24.63 -25.89
C PRO A 58 -9.50 -25.32 -25.01
N ASP A 59 -10.61 -25.75 -25.62
CA ASP A 59 -11.70 -26.35 -24.87
C ASP A 59 -11.19 -27.52 -24.05
N ALA A 60 -10.29 -28.30 -24.65
CA ALA A 60 -9.76 -29.49 -24.01
C ALA A 60 -8.85 -29.20 -22.84
N THR A 61 -8.14 -28.07 -22.93
CA THR A 61 -7.31 -27.61 -21.82
C THR A 61 -8.18 -27.17 -20.62
N LEU A 62 -9.23 -26.42 -20.92
CA LEU A 62 -10.17 -26.04 -19.85
C LEU A 62 -10.80 -27.26 -19.23
N ALA A 63 -11.18 -28.24 -20.05
CA ALA A 63 -11.82 -29.46 -19.54
C ALA A 63 -10.88 -30.19 -18.62
N LEU A 64 -9.61 -30.31 -19.02
CA LEU A 64 -8.63 -30.94 -18.15
C LEU A 64 -8.49 -30.16 -16.83
N ALA A 65 -8.47 -28.83 -16.89
CA ALA A 65 -8.32 -28.04 -15.68
C ALA A 65 -9.51 -28.29 -14.74
N LYS A 66 -10.70 -28.37 -15.31
CA LYS A 66 -11.89 -28.67 -14.50
C LYS A 66 -11.86 -30.06 -13.87
N GLU A 67 -11.37 -31.03 -14.62
CA GLU A 67 -11.33 -32.43 -14.16
C GLU A 67 -10.29 -32.60 -13.04
N ALA A 68 -9.18 -31.87 -13.13
CA ALA A 68 -8.06 -32.08 -12.23
C ALA A 68 -8.28 -31.60 -10.80
N ASP A 69 -7.46 -32.13 -9.88
CA ASP A 69 -7.52 -31.73 -8.48
C ASP A 69 -6.85 -30.36 -8.26
N ALA A 70 -5.93 -30.03 -9.18
CA ALA A 70 -5.19 -28.75 -9.12
C ALA A 70 -4.49 -28.53 -10.43
N ILE A 71 -4.01 -27.32 -10.63
CA ILE A 71 -3.40 -26.92 -11.88
C ILE A 71 -2.04 -26.30 -11.57
N LEU A 72 -1.03 -26.80 -12.27
CA LEU A 72 0.31 -26.18 -12.27
C LEU A 72 0.53 -25.48 -13.58
N PHE A 73 0.78 -24.15 -13.54
CA PHE A 73 0.77 -23.31 -14.73
C PHE A 73 2.12 -22.58 -14.79
N GLY A 74 2.70 -22.52 -15.98
CA GLY A 74 3.98 -21.85 -16.18
C GLY A 74 3.88 -20.35 -16.41
N ALA A 75 3.98 -19.97 -17.67
CA ALA A 75 3.91 -18.56 -18.11
C ALA A 75 3.51 -18.55 -19.57
N VAL A 76 2.66 -17.59 -19.90
CA VAL A 76 2.22 -17.43 -21.26
C VAL A 76 2.60 -16.10 -21.85
N GLY A 77 2.82 -16.10 -23.14
CA GLY A 77 3.18 -14.91 -23.84
C GLY A 77 4.53 -14.95 -24.48
N ASP A 78 4.61 -14.34 -25.65
CA ASP A 78 5.86 -14.14 -26.36
C ASP A 78 5.68 -13.12 -27.50
N TRP A 79 6.78 -12.50 -27.92
CA TRP A 79 6.70 -11.51 -29.01
C TRP A 79 5.99 -12.05 -30.26
N LYS A 80 6.17 -13.34 -30.55
CA LYS A 80 5.64 -13.87 -31.79
C LYS A 80 4.10 -13.94 -31.79
N TYR A 81 3.48 -13.85 -30.62
CA TYR A 81 2.02 -13.91 -30.50
C TYR A 81 1.38 -12.56 -30.25
N ASP A 82 2.19 -11.51 -30.18
CA ASP A 82 1.67 -10.20 -29.77
C ASP A 82 0.82 -9.56 -30.87
N SER A 83 0.93 -10.03 -32.11
CA SER A 83 0.15 -9.47 -33.21
C SER A 83 -1.24 -10.10 -33.33
N LEU A 84 -1.54 -11.13 -32.55
CA LEU A 84 -2.90 -11.69 -32.57
C LEU A 84 -3.92 -10.65 -32.11
N GLU A 85 -5.15 -10.77 -32.60
CA GLU A 85 -6.23 -9.95 -32.06
C GLU A 85 -6.37 -10.15 -30.55
N ARG A 86 -6.81 -9.10 -29.84
CA ARG A 86 -6.80 -9.10 -28.37
C ARG A 86 -7.37 -10.36 -27.70
N ALA A 87 -8.51 -10.83 -28.18
CA ALA A 87 -9.19 -11.95 -27.54
C ALA A 87 -8.40 -13.27 -27.64
N LEU A 88 -7.44 -13.37 -28.57
CA LEU A 88 -6.70 -14.61 -28.80
C LEU A 88 -5.26 -14.52 -28.27
N ARG A 89 -4.89 -13.40 -27.66
CA ARG A 89 -3.53 -13.23 -27.16
C ARG A 89 -3.31 -14.20 -26.00
N PRO A 90 -2.06 -14.73 -25.84
CA PRO A 90 -1.78 -15.73 -24.79
C PRO A 90 -2.25 -15.38 -23.42
N GLU A 91 -2.12 -14.10 -23.06
CA GLU A 91 -2.44 -13.64 -21.75
C GLU A 91 -3.93 -13.78 -21.39
N GLN A 92 -4.79 -13.88 -22.40
CA GLN A 92 -6.21 -14.13 -22.16
C GLN A 92 -6.50 -15.44 -21.43
N ALA A 93 -5.61 -16.42 -21.57
CA ALA A 93 -5.79 -17.69 -20.90
C ALA A 93 -5.86 -17.55 -19.38
N ILE A 94 -5.00 -16.68 -18.83
CA ILE A 94 -4.97 -16.38 -17.38
C ILE A 94 -6.39 -15.95 -16.96
N LEU A 95 -6.96 -15.04 -17.71
CA LEU A 95 -8.28 -14.49 -17.34
C LEU A 95 -9.36 -15.56 -17.47
N GLY A 96 -9.30 -16.30 -18.58
CA GLY A 96 -10.24 -17.35 -18.87
C GLY A 96 -10.28 -18.42 -17.78
N LEU A 97 -9.10 -18.81 -17.32
CA LEU A 97 -9.02 -19.84 -16.30
C LEU A 97 -9.63 -19.35 -14.99
N ARG A 98 -9.32 -18.12 -14.62
CA ARG A 98 -9.86 -17.53 -13.38
C ARG A 98 -11.37 -17.43 -13.46
N LYS A 99 -11.89 -17.03 -14.62
CA LYS A 99 -13.33 -16.83 -14.80
C LYS A 99 -14.05 -18.15 -14.80
N HIS A 100 -13.64 -19.04 -15.69
CA HIS A 100 -14.29 -20.34 -15.80
C HIS A 100 -14.20 -21.25 -14.58
N LEU A 101 -13.10 -21.19 -13.83
CA LEU A 101 -12.90 -22.05 -12.67
C LEU A 101 -13.29 -21.34 -11.35
N GLU A 102 -13.71 -20.08 -11.46
CA GLU A 102 -14.15 -19.31 -10.29
C GLU A 102 -13.06 -19.20 -9.23
N LEU A 103 -11.86 -18.83 -9.71
CA LEU A 103 -10.70 -18.65 -8.87
C LEU A 103 -10.62 -17.23 -8.41
N PHE A 104 -11.13 -16.97 -7.21
CA PHE A 104 -11.27 -15.60 -6.70
C PHE A 104 -10.25 -15.20 -5.62
N ALA A 105 -9.44 -16.13 -5.13
CA ALA A 105 -8.52 -15.84 -4.04
C ALA A 105 -7.11 -15.93 -4.57
N ASN A 106 -6.40 -14.80 -4.59
CA ASN A 106 -5.01 -14.75 -5.09
C ASN A 106 -4.05 -14.85 -3.91
N PHE A 107 -3.34 -15.97 -3.79
CA PHE A 107 -2.38 -16.18 -2.71
C PHE A 107 -1.03 -15.63 -3.17
N ARG A 108 -0.50 -14.67 -2.41
CA ARG A 108 0.77 -14.05 -2.78
C ARG A 108 1.72 -14.06 -1.59
N PRO A 109 2.45 -15.17 -1.43
CA PRO A 109 3.52 -15.19 -0.44
C PRO A 109 4.57 -14.10 -0.63
N ALA A 110 5.06 -13.58 0.51
CA ALA A 110 6.24 -12.72 0.51
C ALA A 110 7.26 -13.49 1.35
N ILE A 111 8.31 -13.96 0.69
CA ILE A 111 9.34 -14.76 1.29
C ILE A 111 10.71 -14.15 0.97
N CYS A 112 11.62 -14.19 1.94
CA CYS A 112 12.96 -13.68 1.72
C CYS A 112 13.98 -14.69 2.24
N TYR A 113 14.84 -15.17 1.34
CA TYR A 113 15.86 -16.16 1.71
C TYR A 113 17.09 -15.42 2.26
N PRO A 114 17.63 -15.86 3.39
CA PRO A 114 18.79 -15.15 3.94
C PRO A 114 19.95 -14.97 2.97
N GLN A 115 20.16 -15.93 2.06
CA GLN A 115 21.28 -15.85 1.10
C GLN A 115 21.13 -14.72 0.10
N LEU A 116 19.89 -14.26 -0.08
CA LEU A 116 19.51 -13.26 -1.05
C LEU A 116 19.09 -11.95 -0.35
N VAL A 117 19.41 -11.81 0.93
CA VAL A 117 18.86 -10.71 1.71
C VAL A 117 19.39 -9.35 1.26
N ASP A 118 20.57 -9.29 0.63
CA ASP A 118 21.12 -8.00 0.25
CA ASP A 118 21.17 -8.01 0.19
C ASP A 118 20.37 -7.33 -0.90
N ALA A 119 19.52 -8.09 -1.59
CA ALA A 119 18.64 -7.56 -2.62
C ALA A 119 17.45 -6.80 -2.07
N SER A 120 17.18 -6.99 -0.78
CA SER A 120 16.13 -6.25 -0.13
C SER A 120 16.65 -4.84 0.20
N PRO A 121 15.77 -3.84 0.12
CA PRO A 121 16.15 -2.50 0.58
C PRO A 121 16.15 -2.36 2.11
N LEU A 122 15.55 -3.33 2.78
CA LEU A 122 15.41 -3.32 4.23
C LEU A 122 16.69 -3.79 4.89
N LYS A 123 16.94 -3.30 6.10
CA LYS A 123 18.01 -3.87 6.93
C LYS A 123 17.74 -5.36 7.10
N PRO A 124 18.78 -6.18 7.01
CA PRO A 124 18.54 -7.62 6.88
C PRO A 124 17.79 -8.27 8.04
N GLU A 125 17.94 -7.76 9.27
CA GLU A 125 17.28 -8.39 10.40
C GLU A 125 15.77 -8.26 10.30
N LEU A 126 15.30 -7.28 9.54
CA LEU A 126 13.86 -7.07 9.37
C LEU A 126 13.23 -8.06 8.40
N VAL A 127 14.04 -8.69 7.55
CA VAL A 127 13.47 -9.41 6.39
C VAL A 127 14.04 -10.82 6.14
N ALA A 128 15.24 -11.10 6.62
CA ALA A 128 15.78 -12.45 6.44
C ALA A 128 14.87 -13.50 7.01
N GLY A 129 14.49 -14.47 6.18
CA GLY A 129 13.62 -15.56 6.61
C GLY A 129 12.15 -15.18 6.64
N LEU A 130 11.79 -14.01 6.09
CA LEU A 130 10.37 -13.63 5.99
C LEU A 130 9.56 -14.76 5.35
N ASP A 131 8.38 -15.01 5.90
CA ASP A 131 7.41 -15.91 5.28
C ASP A 131 6.01 -15.49 5.69
N ILE A 132 5.44 -14.54 4.97
CA ILE A 132 4.07 -14.09 5.20
C ILE A 132 3.22 -14.33 3.96
N LEU A 133 1.92 -14.27 4.12
CA LEU A 133 1.01 -14.59 3.03
C LEU A 133 -0.05 -13.52 2.87
N ILE A 134 -0.12 -12.93 1.68
CA ILE A 134 -1.17 -12.00 1.37
C ILE A 134 -2.21 -12.70 0.49
N VAL A 135 -3.46 -12.71 0.95
CA VAL A 135 -4.59 -13.21 0.20
C VAL A 135 -5.38 -12.04 -0.36
N ARG A 136 -5.34 -11.89 -1.67
CA ARG A 136 -5.91 -10.76 -2.35
C ARG A 136 -7.16 -11.24 -3.06
N GLU A 137 -8.32 -10.67 -2.75
CA GLU A 137 -9.54 -10.94 -3.55
C GLU A 137 -9.29 -10.51 -5.00
N LEU A 138 -9.58 -11.38 -5.95
CA LEU A 138 -9.13 -11.19 -7.34
C LEU A 138 -10.24 -10.85 -8.36
N ASN A 139 -11.48 -11.19 -8.04
CA ASN A 139 -12.55 -11.15 -9.04
C ASN A 139 -13.41 -9.87 -9.00
N GLY A 140 -13.34 -9.12 -7.90
CA GLY A 140 -14.23 -7.98 -7.71
C GLY A 140 -13.58 -6.66 -7.41
N ASP A 141 -14.24 -5.87 -6.58
CA ASP A 141 -13.76 -4.58 -6.14
C ASP A 141 -13.92 -3.54 -7.26
N ILE A 142 -13.41 -2.36 -6.98
CA ILE A 142 -13.38 -1.23 -7.91
C ILE A 142 -12.71 -1.55 -9.27
N TYR A 143 -11.89 -2.59 -9.28
CA TYR A 143 -11.20 -2.99 -10.50
C TYR A 143 -12.18 -3.46 -11.57
N PHE A 144 -13.35 -3.93 -11.13
CA PHE A 144 -14.38 -4.42 -12.06
C PHE A 144 -15.75 -3.79 -11.87
N GLY A 145 -15.94 -3.03 -10.80
CA GLY A 145 -17.28 -2.57 -10.46
C GLY A 145 -17.93 -1.64 -11.47
N GLN A 146 -19.24 -1.79 -11.65
CA GLN A 146 -20.02 -0.95 -12.55
C GLN A 146 -20.92 0.00 -11.76
N PRO A 147 -21.22 1.19 -12.32
CA PRO A 147 -20.76 1.76 -13.59
C PRO A 147 -19.39 2.40 -13.47
N ARG A 148 -18.82 2.77 -14.61
CA ARG A 148 -17.53 3.45 -14.67
C ARG A 148 -17.38 4.12 -16.01
N GLY A 149 -16.49 5.10 -16.10
CA GLY A 149 -16.17 5.75 -17.38
C GLY A 149 -15.85 7.23 -17.21
N VAL A 150 -16.16 8.00 -18.26
CA VAL A 150 -16.04 9.45 -18.24
CA VAL A 150 -16.03 9.46 -18.26
C VAL A 150 -17.40 10.04 -18.60
N ARG A 151 -17.75 11.18 -18.02
CA ARG A 151 -19.08 11.79 -18.16
C ARG A 151 -19.09 13.29 -17.77
N ALA A 152 -20.24 13.93 -17.94
CA ALA A 152 -20.48 15.23 -17.33
C ALA A 152 -20.91 14.94 -15.90
N ALA A 153 -20.29 15.59 -14.91
CA ALA A 153 -20.62 15.29 -13.52
C ALA A 153 -22.13 15.50 -13.29
N PRO A 154 -22.83 14.48 -12.77
CA PRO A 154 -24.29 14.55 -12.66
C PRO A 154 -24.80 15.41 -11.50
N ASP A 155 -23.94 15.65 -10.52
CA ASP A 155 -24.30 16.36 -9.31
C ASP A 155 -23.04 16.84 -8.60
N GLY A 156 -23.21 17.42 -7.41
CA GLY A 156 -22.09 17.88 -6.58
C GLY A 156 -21.63 19.27 -6.98
N PRO A 157 -20.60 19.80 -6.30
CA PRO A 157 -20.16 21.17 -6.58
C PRO A 157 -19.55 21.37 -7.97
N PHE A 158 -19.19 20.29 -8.66
CA PHE A 158 -18.61 20.39 -10.00
C PHE A 158 -19.54 19.82 -11.07
N ALA A 159 -20.82 19.72 -10.75
CA ALA A 159 -21.85 19.28 -11.69
C ALA A 159 -21.69 19.95 -13.06
N GLY A 160 -21.75 19.17 -14.12
CA GLY A 160 -21.59 19.70 -15.46
C GLY A 160 -20.18 19.60 -16.00
N GLU A 161 -19.18 19.49 -15.12
CA GLU A 161 -17.79 19.39 -15.56
C GLU A 161 -17.46 17.97 -16.00
N ARG A 162 -16.50 17.83 -16.90
CA ARG A 162 -16.02 16.53 -17.32
C ARG A 162 -15.47 15.85 -16.07
N GLU A 163 -15.73 14.56 -15.93
CA GLU A 163 -15.45 13.82 -14.72
C GLU A 163 -15.19 12.36 -15.07
N GLY A 164 -14.14 11.76 -14.51
CA GLY A 164 -13.90 10.32 -14.59
C GLY A 164 -14.44 9.67 -13.32
N PHE A 165 -14.89 8.42 -13.42
CA PHE A 165 -15.50 7.72 -12.28
C PHE A 165 -15.41 6.20 -12.35
N ASP A 166 -15.39 5.56 -11.18
CA ASP A 166 -15.41 4.10 -11.07
C ASP A 166 -16.24 3.77 -9.83
N THR A 167 -16.78 2.56 -9.76
CA THR A 167 -17.56 2.17 -8.60
C THR A 167 -16.92 1.01 -7.85
N MET A 168 -16.56 1.29 -6.60
CA MET A 168 -16.14 0.26 -5.68
C MET A 168 -17.39 -0.41 -5.10
N ARG A 169 -17.41 -1.74 -5.16
CA ARG A 169 -18.54 -2.49 -4.61
C ARG A 169 -18.09 -3.90 -4.26
N TYR A 170 -18.61 -4.41 -3.16
CA TYR A 170 -18.42 -5.79 -2.77
C TYR A 170 -19.74 -6.29 -2.15
N SER A 171 -20.21 -7.43 -2.65
CA SER A 171 -21.45 -8.03 -2.12
C SER A 171 -21.13 -8.99 -0.99
N GLU A 172 -22.15 -9.39 -0.24
CA GLU A 172 -21.91 -10.28 0.89
C GLU A 172 -21.24 -11.60 0.47
N PRO A 173 -21.76 -12.31 -0.56
CA PRO A 173 -21.10 -13.58 -0.92
C PRO A 173 -19.61 -13.44 -1.33
N GLU A 174 -19.27 -12.30 -1.93
CA GLU A 174 -17.88 -12.02 -2.38
C GLU A 174 -16.91 -11.90 -1.21
N VAL A 175 -17.30 -11.16 -0.18
CA VAL A 175 -16.49 -11.06 1.04
C VAL A 175 -16.52 -12.36 1.83
N ARG A 176 -17.70 -13.00 1.95
CA ARG A 176 -17.75 -14.21 2.73
C ARG A 176 -16.81 -15.30 2.17
N ARG A 177 -16.74 -15.42 0.84
CA ARG A 177 -15.97 -16.52 0.26
C ARG A 177 -14.47 -16.27 0.41
N ILE A 178 -14.04 -15.02 0.28
CA ILE A 178 -12.61 -14.72 0.44
C ILE A 178 -12.23 -14.83 1.92
N ALA A 179 -13.13 -14.47 2.82
CA ALA A 179 -12.89 -14.70 4.26
C ALA A 179 -12.65 -16.17 4.62
N HIS A 180 -13.50 -17.06 4.12
CA HIS A 180 -13.35 -18.48 4.40
C HIS A 180 -12.00 -19.00 3.96
N VAL A 181 -11.62 -18.68 2.73
CA VAL A 181 -10.36 -19.15 2.20
C VAL A 181 -9.19 -18.63 3.05
N ALA A 182 -9.21 -17.35 3.40
CA ALA A 182 -8.12 -16.79 4.17
C ALA A 182 -8.05 -17.40 5.58
N PHE A 183 -9.19 -17.56 6.23
CA PHE A 183 -9.23 -18.20 7.54
C PHE A 183 -8.69 -19.63 7.50
N GLN A 184 -9.05 -20.37 6.45
CA GLN A 184 -8.55 -21.73 6.28
C GLN A 184 -7.04 -21.77 5.99
N ALA A 185 -6.51 -20.77 5.30
CA ALA A 185 -5.06 -20.65 5.11
C ALA A 185 -4.36 -20.39 6.44
N ALA A 186 -4.93 -19.48 7.24
CA ALA A 186 -4.40 -19.18 8.57
C ALA A 186 -4.34 -20.42 9.48
N GLN A 187 -5.34 -21.30 9.37
CA GLN A 187 -5.31 -22.60 10.07
C GLN A 187 -4.15 -23.50 9.63
N LYS A 188 -3.76 -23.42 8.36
CA LYS A 188 -2.63 -24.23 7.88
C LYS A 188 -1.27 -23.53 8.19
N ARG A 189 -1.30 -22.40 8.92
CA ARG A 189 -0.09 -21.62 9.22
C ARG A 189 -0.06 -21.31 10.72
N ALA A 190 -0.01 -20.04 11.15
CA ALA A 190 0.12 -19.72 12.58
C ALA A 190 -1.15 -19.21 13.26
N LYS A 191 -2.29 -19.35 12.58
CA LYS A 191 -3.61 -19.04 13.14
C LYS A 191 -3.80 -17.56 13.51
N LYS A 192 -3.18 -16.69 12.72
CA LYS A 192 -3.38 -15.25 12.85
CA LYS A 192 -3.37 -15.24 12.84
C LYS A 192 -3.78 -14.71 11.49
N LEU A 193 -4.93 -14.05 11.43
CA LEU A 193 -5.40 -13.41 10.21
C LEU A 193 -5.61 -11.92 10.45
N LEU A 194 -5.04 -11.09 9.57
CA LEU A 194 -5.21 -9.63 9.59
C LEU A 194 -6.02 -9.25 8.38
N SER A 195 -7.16 -8.63 8.61
CA SER A 195 -7.98 -8.11 7.55
C SER A 195 -7.68 -6.63 7.37
N VAL A 196 -7.41 -6.19 6.14
CA VAL A 196 -7.07 -4.82 5.83
C VAL A 196 -8.14 -4.14 4.99
N ASP A 197 -8.53 -2.93 5.40
CA ASP A 197 -9.57 -2.19 4.76
C ASP A 197 -9.36 -0.69 4.96
N LYS A 198 -10.31 0.14 4.51
CA LYS A 198 -10.32 1.56 4.91
C LYS A 198 -11.69 1.92 5.50
N SER A 199 -12.06 1.18 6.55
CA SER A 199 -13.44 1.20 7.05
C SER A 199 -13.82 2.49 7.73
N ASN A 200 -12.83 3.28 8.11
CA ASN A 200 -13.09 4.61 8.66
C ASN A 200 -13.62 5.61 7.65
N VAL A 201 -13.41 5.34 6.36
CA VAL A 201 -13.82 6.25 5.30
C VAL A 201 -14.79 5.57 4.31
N LEU A 202 -14.49 4.36 3.86
CA LEU A 202 -15.23 3.70 2.80
C LEU A 202 -16.35 2.81 3.29
N GLU A 203 -17.54 3.02 2.74
CA GLU A 203 -18.66 2.18 3.06
C GLU A 203 -18.41 0.74 2.65
N THR A 204 -17.76 0.54 1.50
CA THR A 204 -17.41 -0.80 1.07
C THR A 204 -16.57 -1.51 2.12
N SER A 205 -15.60 -0.79 2.69
CA SER A 205 -14.67 -1.33 3.68
C SER A 205 -15.35 -1.66 5.03
N GLN A 206 -16.30 -0.84 5.46
CA GLN A 206 -17.01 -1.15 6.72
C GLN A 206 -17.82 -2.42 6.52
N PHE A 207 -18.43 -2.54 5.34
CA PHE A 207 -19.19 -3.72 5.00
C PHE A 207 -18.30 -4.95 4.98
N TRP A 208 -17.18 -4.84 4.26
CA TRP A 208 -16.14 -5.85 4.29
C TRP A 208 -15.81 -6.32 5.73
N ARG A 209 -15.49 -5.36 6.59
CA ARG A 209 -15.12 -5.63 7.96
C ARG A 209 -16.23 -6.38 8.69
N ASP A 210 -17.47 -5.95 8.49
CA ASP A 210 -18.60 -6.58 9.20
C ASP A 210 -18.79 -8.01 8.75
N VAL A 211 -18.65 -8.28 7.44
CA VAL A 211 -18.75 -9.67 6.95
C VAL A 211 -17.57 -10.50 7.45
N MET A 212 -16.37 -9.94 7.47
CA MET A 212 -15.20 -10.66 7.98
C MET A 212 -15.43 -11.11 9.43
N ILE A 213 -16.01 -10.23 10.22
CA ILE A 213 -16.24 -10.55 11.64
C ILE A 213 -17.30 -11.65 11.75
N ASP A 214 -18.34 -11.54 10.94
CA ASP A 214 -19.39 -12.59 10.91
C ASP A 214 -18.76 -13.97 10.60
N VAL A 215 -17.89 -14.02 9.58
CA VAL A 215 -17.24 -15.27 9.26
C VAL A 215 -16.31 -15.79 10.36
N SER A 216 -15.68 -14.87 11.09
CA SER A 216 -14.67 -15.20 12.09
C SER A 216 -15.25 -16.07 13.20
N LYS A 217 -16.56 -16.03 13.34
CA LYS A 217 -17.23 -16.84 14.38
C LYS A 217 -17.24 -18.34 14.08
N GLU A 218 -16.88 -18.71 12.84
CA GLU A 218 -16.70 -20.12 12.46
C GLU A 218 -15.25 -20.60 12.63
N TYR A 219 -14.35 -19.71 13.07
CA TYR A 219 -12.94 -20.04 13.14
C TYR A 219 -12.40 -19.55 14.46
N ALA A 220 -12.93 -20.08 15.56
CA ALA A 220 -12.56 -19.56 16.87
C ALA A 220 -11.06 -19.74 17.20
N ASP A 221 -10.39 -20.66 16.52
CA ASP A 221 -9.00 -20.98 16.76
C ASP A 221 -8.05 -19.98 16.06
N VAL A 222 -8.61 -19.13 15.19
CA VAL A 222 -7.82 -18.12 14.50
C VAL A 222 -8.06 -16.74 15.13
N GLU A 223 -6.98 -16.05 15.47
CA GLU A 223 -7.02 -14.68 15.98
C GLU A 223 -7.21 -13.69 14.82
N LEU A 224 -8.33 -12.97 14.83
CA LEU A 224 -8.61 -12.00 13.79
C LEU A 224 -8.28 -10.59 14.31
N SER A 225 -7.56 -9.81 13.51
CA SER A 225 -7.38 -8.38 13.79
CA SER A 225 -7.28 -8.39 13.78
C SER A 225 -7.61 -7.58 12.52
N HIS A 226 -7.76 -6.26 12.67
CA HIS A 226 -8.01 -5.39 11.54
C HIS A 226 -7.01 -4.25 11.51
N MET A 227 -6.77 -3.73 10.30
CA MET A 227 -5.84 -2.66 10.10
C MET A 227 -6.24 -1.85 8.87
N TYR A 228 -6.06 -0.54 8.94
CA TYR A 228 -6.37 0.30 7.79
C TYR A 228 -5.21 0.17 6.78
N VAL A 229 -5.55 0.28 5.50
CA VAL A 229 -4.59 0.04 4.42
C VAL A 229 -3.37 0.97 4.53
N ASP A 230 -3.57 2.22 4.94
CA ASP A 230 -2.43 3.13 5.11
C ASP A 230 -1.48 2.64 6.16
N ASN A 231 -2.06 2.20 7.28
CA ASN A 231 -1.27 1.68 8.37
C ASN A 231 -0.54 0.39 7.95
N ALA A 232 -1.20 -0.45 7.18
CA ALA A 232 -0.56 -1.70 6.73
C ALA A 232 0.63 -1.42 5.80
N ALA A 233 0.49 -0.40 4.95
CA ALA A 233 1.59 0.00 4.09
C ALA A 233 2.79 0.43 4.92
N MET A 234 2.54 1.12 6.04
CA MET A 234 3.60 1.48 6.96
C MET A 234 4.22 0.28 7.65
N GLN A 235 3.36 -0.60 8.16
CA GLN A 235 3.83 -1.74 8.97
C GLN A 235 4.56 -2.81 8.15
N LEU A 236 4.19 -3.01 6.90
CA LEU A 236 4.97 -3.89 6.03
C LEU A 236 6.40 -3.38 5.86
N ALA A 237 6.56 -2.06 5.83
CA ALA A 237 7.89 -1.47 5.65
C ALA A 237 8.68 -1.48 6.93
N LYS A 238 7.98 -1.34 8.07
CA LYS A 238 8.64 -1.25 9.36
C LYS A 238 9.10 -2.60 9.89
N ALA A 239 8.24 -3.61 9.77
CA ALA A 239 8.44 -4.90 10.46
C ALA A 239 7.49 -5.91 9.84
N PRO A 240 7.80 -6.33 8.60
CA PRO A 240 6.90 -7.28 7.90
C PRO A 240 6.78 -8.64 8.62
N LYS A 241 7.73 -8.99 9.49
CA LYS A 241 7.68 -10.28 10.16
C LYS A 241 6.57 -10.38 11.21
N GLN A 242 5.91 -9.26 11.50
CA GLN A 242 4.85 -9.22 12.49
C GLN A 242 3.58 -9.97 12.05
N PHE A 243 3.50 -10.27 10.73
CA PHE A 243 2.25 -10.80 10.14
C PHE A 243 2.34 -12.32 9.93
N ASP A 244 1.19 -12.94 9.76
CA ASP A 244 1.13 -14.33 9.32
C ASP A 244 0.38 -14.34 7.99
N VAL A 245 -0.93 -14.20 8.04
CA VAL A 245 -1.75 -14.11 6.84
C VAL A 245 -2.46 -12.76 6.86
N ILE A 246 -2.57 -12.13 5.70
CA ILE A 246 -3.25 -10.83 5.53
C ILE A 246 -4.30 -11.08 4.46
N VAL A 247 -5.53 -10.64 4.71
CA VAL A 247 -6.57 -10.69 3.68
C VAL A 247 -7.13 -9.30 3.40
N THR A 248 -7.35 -9.02 2.13
CA THR A 248 -7.81 -7.70 1.72
C THR A 248 -8.43 -7.73 0.34
N GLY A 249 -8.99 -6.59 -0.08
CA GLY A 249 -9.65 -6.51 -1.39
C GLY A 249 -8.67 -6.45 -2.55
N ASN A 250 -9.22 -6.42 -3.74
CA ASN A 250 -8.42 -6.50 -4.98
C ASN A 250 -7.38 -5.36 -5.06
N MET A 251 -7.87 -4.13 -5.00
CA MET A 251 -7.04 -2.96 -5.11
C MET A 251 -6.03 -2.82 -3.97
N PHE A 252 -6.49 -2.90 -2.73
CA PHE A 252 -5.52 -2.81 -1.64
C PHE A 252 -4.54 -3.96 -1.65
N GLY A 253 -5.00 -5.15 -2.04
CA GLY A 253 -4.09 -6.28 -2.16
C GLY A 253 -3.03 -6.14 -3.23
N ASP A 254 -3.41 -5.55 -4.36
CA ASP A 254 -2.48 -5.26 -5.45
C ASP A 254 -1.30 -4.40 -4.90
N ILE A 255 -1.65 -3.29 -4.25
CA ILE A 255 -0.68 -2.33 -3.75
C ILE A 255 0.20 -3.00 -2.67
N LEU A 256 -0.43 -3.64 -1.69
CA LEU A 256 0.29 -4.17 -0.54
C LEU A 256 1.13 -5.38 -0.92
N SER A 257 0.61 -6.25 -1.78
CA SER A 257 1.41 -7.39 -2.22
C SER A 257 2.61 -6.94 -3.06
N ASP A 258 2.44 -5.93 -3.91
CA ASP A 258 3.55 -5.40 -4.69
C ASP A 258 4.59 -4.78 -3.76
N GLU A 259 4.14 -3.96 -2.80
CA GLU A 259 5.05 -3.40 -1.79
C GLU A 259 5.86 -4.50 -1.13
N ALA A 260 5.18 -5.56 -0.66
CA ALA A 260 5.83 -6.66 0.04
C ALA A 260 6.83 -7.41 -0.84
N SER A 261 6.42 -7.63 -2.10
CA SER A 261 7.31 -8.28 -3.08
CA SER A 261 7.30 -8.26 -3.09
C SER A 261 8.60 -7.49 -3.23
N MET A 262 8.51 -6.17 -3.36
CA MET A 262 9.72 -5.32 -3.39
C MET A 262 10.56 -5.43 -2.11
N LEU A 263 9.91 -5.46 -0.95
CA LEU A 263 10.64 -5.55 0.30
C LEU A 263 11.46 -6.84 0.46
N THR A 264 11.03 -7.93 -0.20
CA THR A 264 11.77 -9.22 -0.12
C THR A 264 13.05 -9.14 -0.94
N GLY A 265 13.00 -8.30 -1.95
CA GLY A 265 14.17 -8.01 -2.76
C GLY A 265 14.34 -8.87 -3.99
N SER A 266 13.62 -10.00 -4.10
CA SER A 266 13.81 -10.89 -5.27
C SER A 266 12.42 -11.30 -5.76
N ILE A 267 11.75 -10.36 -6.43
CA ILE A 267 10.37 -10.57 -6.91
CA ILE A 267 10.37 -10.60 -6.89
C ILE A 267 10.30 -11.82 -7.80
N GLY A 268 11.38 -12.08 -8.48
CA GLY A 268 11.54 -13.27 -9.32
C GLY A 268 11.56 -14.66 -8.69
N MET A 269 11.66 -14.76 -7.35
CA MET A 269 11.63 -16.04 -6.62
C MET A 269 10.23 -16.42 -6.13
N LEU A 270 9.25 -15.54 -6.34
CA LEU A 270 7.98 -15.58 -5.61
C LEU A 270 6.92 -16.43 -6.32
N PRO A 271 6.35 -17.43 -5.62
CA PRO A 271 5.26 -18.22 -6.20
C PRO A 271 3.92 -17.51 -6.02
N SER A 272 2.88 -18.02 -6.68
CA SER A 272 1.54 -17.38 -6.69
CA SER A 272 1.55 -17.44 -6.51
C SER A 272 0.50 -18.48 -6.84
N ALA A 273 -0.74 -18.19 -6.42
CA ALA A 273 -1.84 -19.12 -6.70
C ALA A 273 -3.15 -18.40 -6.76
N SER A 274 -4.12 -19.01 -7.47
CA SER A 274 -5.47 -18.50 -7.54
C SER A 274 -6.40 -19.64 -7.16
N LEU A 275 -7.14 -19.49 -6.07
CA LEU A 275 -7.94 -20.58 -5.49
C LEU A 275 -9.46 -20.35 -5.57
N ASP A 276 -10.21 -21.45 -5.61
CA ASP A 276 -11.70 -21.41 -5.54
C ASP A 276 -12.21 -21.71 -4.13
N LYS A 277 -13.53 -21.82 -4.00
CA LYS A 277 -14.15 -21.96 -2.69
C LYS A 277 -13.81 -23.29 -1.99
N ASN A 278 -13.36 -24.28 -2.77
CA ASN A 278 -12.95 -25.58 -2.26
C ASN A 278 -11.44 -25.70 -2.08
N ASN A 279 -10.74 -24.58 -2.16
CA ASN A 279 -9.27 -24.54 -2.13
C ASN A 279 -8.58 -25.31 -3.27
N LYS A 280 -9.31 -25.64 -4.32
CA LYS A 280 -8.66 -26.09 -5.55
C LYS A 280 -8.03 -24.87 -6.18
N GLY A 281 -6.75 -24.97 -6.58
CA GLY A 281 -6.06 -23.83 -7.11
C GLY A 281 -5.26 -24.05 -8.39
N LEU A 282 -4.98 -22.93 -9.06
CA LEU A 282 -4.00 -22.85 -10.13
C LEU A 282 -2.78 -22.20 -9.49
N TYR A 283 -1.62 -22.80 -9.67
CA TYR A 283 -0.37 -22.42 -9.02
C TYR A 283 0.63 -22.08 -10.10
N GLU A 284 1.25 -20.89 -10.01
CA GLU A 284 2.08 -20.36 -11.07
C GLU A 284 3.12 -19.42 -10.43
N PRO A 285 4.28 -19.29 -11.05
CA PRO A 285 5.21 -18.28 -10.58
C PRO A 285 4.61 -16.88 -10.74
N SER A 286 4.86 -15.96 -9.84
CA SER A 286 4.27 -14.63 -9.97
CA SER A 286 4.32 -14.61 -9.93
C SER A 286 4.82 -13.83 -11.16
N HIS A 287 6.04 -14.13 -11.59
CA HIS A 287 6.71 -13.37 -12.66
C HIS A 287 6.15 -13.35 -14.06
N GLY A 288 5.38 -14.34 -14.51
CA GLY A 288 4.94 -14.30 -15.93
C GLY A 288 6.07 -14.44 -16.97
N SER A 289 5.80 -14.03 -18.20
CA SER A 289 6.68 -14.25 -19.34
C SER A 289 7.99 -13.47 -19.25
N ALA A 290 9.00 -13.96 -19.95
CA ALA A 290 10.30 -13.26 -20.12
C ALA A 290 10.84 -13.52 -21.50
N PRO A 291 10.27 -12.85 -22.51
CA PRO A 291 10.62 -13.14 -23.89
C PRO A 291 12.10 -12.93 -24.21
N ASP A 292 12.77 -12.04 -23.49
CA ASP A 292 14.22 -11.81 -23.68
C ASP A 292 15.09 -13.04 -23.45
N ILE A 293 14.64 -13.95 -22.58
CA ILE A 293 15.46 -15.11 -22.22
C ILE A 293 14.76 -16.42 -22.51
N ALA A 294 13.60 -16.33 -23.15
CA ALA A 294 12.82 -17.52 -23.48
C ALA A 294 13.59 -18.51 -24.35
N GLY A 295 13.62 -19.76 -23.90
CA GLY A 295 14.27 -20.81 -24.68
C GLY A 295 15.77 -20.90 -24.48
N LYS A 296 16.34 -20.02 -23.67
CA LYS A 296 17.79 -19.97 -23.52
C LYS A 296 18.29 -20.84 -22.36
N GLY A 297 17.36 -21.52 -21.67
CA GLY A 297 17.69 -22.45 -20.60
C GLY A 297 18.30 -21.80 -19.36
N ILE A 298 18.06 -20.50 -19.18
CA ILE A 298 18.61 -19.79 -18.02
C ILE A 298 17.58 -19.25 -17.00
N ALA A 299 16.28 -19.27 -17.31
CA ALA A 299 15.27 -18.78 -16.40
C ALA A 299 15.33 -19.48 -15.04
N ASN A 300 15.06 -18.72 -13.99
CA ASN A 300 14.97 -19.24 -12.65
C ASN A 300 13.70 -20.07 -12.46
N PRO A 301 13.84 -21.37 -12.19
CA PRO A 301 12.65 -22.19 -11.97
C PRO A 301 12.17 -22.24 -10.53
N LEU A 302 12.83 -21.53 -9.62
CA LEU A 302 12.50 -21.71 -8.22
C LEU A 302 11.09 -21.25 -7.85
N ALA A 303 10.63 -20.13 -8.40
CA ALA A 303 9.25 -19.68 -8.13
C ALA A 303 8.22 -20.71 -8.56
N THR A 304 8.45 -21.34 -9.73
CA THR A 304 7.57 -22.41 -10.19
C THR A 304 7.62 -23.68 -9.30
N ILE A 305 8.81 -24.04 -8.87
CA ILE A 305 8.97 -25.16 -7.95
C ILE A 305 8.26 -24.86 -6.62
N LEU A 306 8.43 -23.66 -6.09
CA LEU A 306 7.74 -23.24 -4.87
C LEU A 306 6.21 -23.20 -5.08
N SER A 307 5.77 -22.90 -6.29
CA SER A 307 4.33 -22.93 -6.60
CA SER A 307 4.32 -22.93 -6.57
C SER A 307 3.79 -24.37 -6.52
N ALA A 308 4.61 -25.32 -6.93
CA ALA A 308 4.25 -26.74 -6.82
C ALA A 308 4.19 -27.17 -5.37
N ALA A 309 5.07 -26.64 -4.52
CA ALA A 309 4.94 -26.83 -3.06
C ALA A 309 3.64 -26.25 -2.50
N MET A 310 3.27 -25.03 -2.93
CA MET A 310 1.99 -24.44 -2.49
C MET A 310 0.84 -25.36 -2.92
N LEU A 311 0.96 -25.93 -4.13
CA LEU A 311 -0.10 -26.75 -4.68
C LEU A 311 -0.38 -27.92 -3.74
N LEU A 312 0.69 -28.58 -3.34
CA LEU A 312 0.59 -29.74 -2.45
C LEU A 312 -0.01 -29.31 -1.10
N ARG A 313 0.46 -28.19 -0.54
CA ARG A 313 -0.05 -27.72 0.77
C ARG A 313 -1.52 -27.30 0.79
N TYR A 314 -1.89 -26.43 -0.13
CA TYR A 314 -3.16 -25.71 -0.05
C TYR A 314 -4.29 -26.39 -0.81
N SER A 315 -3.98 -27.13 -1.87
CA SER A 315 -4.99 -27.87 -2.63
C SER A 315 -5.07 -29.35 -2.34
N LEU A 316 -3.93 -30.02 -2.11
CA LEU A 316 -3.88 -31.48 -2.04
C LEU A 316 -3.69 -32.05 -0.63
N ASN A 317 -3.82 -31.25 0.42
CA ASN A 317 -3.71 -31.76 1.79
C ASN A 317 -2.40 -32.51 2.02
N ARG A 318 -1.30 -31.96 1.52
CA ARG A 318 0.00 -32.67 1.54
C ARG A 318 1.13 -31.73 2.01
N ALA A 319 0.96 -31.20 3.22
CA ALA A 319 1.91 -30.25 3.81
C ALA A 319 3.31 -30.78 4.02
N GLU A 320 3.44 -32.08 4.33
CA GLU A 320 4.78 -32.67 4.58
C GLU A 320 5.60 -32.71 3.29
N GLN A 321 4.96 -33.05 2.17
CA GLN A 321 5.64 -32.99 0.87
C GLN A 321 5.98 -31.56 0.44
N ALA A 322 5.06 -30.64 0.67
CA ALA A 322 5.33 -29.21 0.47
C ALA A 322 6.56 -28.74 1.27
N ASP A 323 6.58 -29.05 2.57
CA ASP A 323 7.74 -28.76 3.40
C ASP A 323 9.06 -29.32 2.85
N ARG A 324 9.02 -30.53 2.30
CA ARG A 324 10.20 -31.21 1.80
C ARG A 324 10.78 -30.45 0.60
N ILE A 325 9.90 -30.08 -0.31
CA ILE A 325 10.30 -29.21 -1.46
C ILE A 325 10.86 -27.87 -0.97
N GLU A 326 10.16 -27.19 -0.05
CA GLU A 326 10.61 -25.88 0.43
C GLU A 326 11.99 -25.97 1.11
N ARG A 327 12.21 -27.05 1.86
CA ARG A 327 13.50 -27.28 2.51
C ARG A 327 14.61 -27.51 1.47
N ALA A 328 14.28 -28.24 0.41
CA ALA A 328 15.21 -28.48 -0.69
C ALA A 328 15.66 -27.16 -1.36
N VAL A 329 14.73 -26.20 -1.56
CA VAL A 329 15.04 -24.87 -2.12
C VAL A 329 15.97 -24.12 -1.18
N LYS A 330 15.65 -24.16 0.11
CA LYS A 330 16.50 -23.51 1.07
C LYS A 330 17.92 -24.09 1.04
N THR A 331 18.00 -25.41 0.93
CA THR A 331 19.28 -26.10 0.86
C THR A 331 20.12 -25.71 -0.36
N VAL A 332 19.53 -25.63 -1.54
CA VAL A 332 20.34 -25.36 -2.74
C VAL A 332 20.87 -23.95 -2.65
N LEU A 333 20.09 -23.07 -2.07
CA LEU A 333 20.60 -21.69 -1.88
C LEU A 333 21.79 -21.67 -0.90
N GLU A 334 21.66 -22.42 0.19
CA GLU A 334 22.76 -22.60 1.15
C GLU A 334 24.00 -23.16 0.48
N GLN A 335 23.80 -24.11 -0.41
CA GLN A 335 24.89 -24.75 -1.14
C GLN A 335 25.55 -23.83 -2.16
N GLY A 336 24.94 -22.67 -2.41
CA GLY A 336 25.52 -21.68 -3.33
C GLY A 336 25.02 -21.72 -4.78
N TYR A 337 24.01 -22.54 -5.07
CA TYR A 337 23.44 -22.52 -6.41
C TYR A 337 22.67 -21.22 -6.65
N ARG A 338 22.91 -20.64 -7.83
CA ARG A 338 22.15 -19.48 -8.29
C ARG A 338 21.88 -19.55 -9.78
N THR A 339 20.69 -19.14 -10.21
CA THR A 339 20.48 -18.79 -11.60
C THR A 339 20.96 -17.35 -11.85
N GLY A 340 21.05 -16.94 -13.11
CA GLY A 340 21.63 -15.60 -13.44
C GLY A 340 20.95 -14.43 -12.75
N ASP A 341 19.63 -14.49 -12.62
CA ASP A 341 18.85 -13.42 -11.95
C ASP A 341 19.20 -13.21 -10.46
N ILE A 342 19.73 -14.23 -9.77
CA ILE A 342 20.00 -14.12 -8.33
C ILE A 342 21.48 -14.33 -8.02
N ALA A 343 22.33 -14.33 -9.04
CA ALA A 343 23.76 -14.59 -8.87
C ALA A 343 24.41 -13.64 -7.86
N THR A 344 25.24 -14.24 -6.99
CA THR A 344 25.92 -13.58 -5.90
C THR A 344 27.41 -13.95 -6.03
N PRO A 345 28.30 -13.11 -5.50
CA PRO A 345 29.74 -13.39 -5.65
C PRO A 345 30.13 -14.77 -5.13
N GLY A 346 30.88 -15.51 -5.93
CA GLY A 346 31.36 -16.83 -5.53
C GLY A 346 30.37 -17.99 -5.64
N CYS A 347 29.22 -17.75 -6.27
CA CYS A 347 28.15 -18.73 -6.33
C CYS A 347 28.44 -19.82 -7.38
N ARG A 348 27.66 -20.91 -7.33
CA ARG A 348 27.64 -21.90 -8.43
C ARG A 348 26.55 -21.50 -9.40
N GLN A 349 26.92 -20.85 -10.51
CA GLN A 349 25.89 -20.34 -11.41
C GLN A 349 25.45 -21.41 -12.39
N VAL A 350 24.14 -21.62 -12.45
CA VAL A 350 23.56 -22.71 -13.21
C VAL A 350 22.36 -22.23 -14.01
N GLY A 351 22.09 -22.92 -15.11
CA GLY A 351 20.84 -22.75 -15.83
C GLY A 351 19.65 -23.46 -15.19
N THR A 352 18.51 -23.41 -15.86
CA THR A 352 17.24 -23.85 -15.34
C THR A 352 17.27 -25.32 -14.90
N ALA A 353 17.74 -26.15 -15.80
CA ALA A 353 17.74 -27.60 -15.62
C ALA A 353 18.67 -28.04 -14.52
N ALA A 354 19.87 -27.46 -14.47
CA ALA A 354 20.83 -27.79 -13.41
C ALA A 354 20.36 -27.25 -12.06
N MET A 355 19.61 -26.15 -12.04
CA MET A 355 18.97 -25.71 -10.78
C MET A 355 17.92 -26.73 -10.33
N GLY A 356 17.10 -27.20 -11.25
CA GLY A 356 16.13 -28.22 -10.96
C GLY A 356 16.81 -29.49 -10.43
N ASP A 357 17.90 -29.89 -11.08
CA ASP A 357 18.69 -31.05 -10.61
C ASP A 357 19.20 -30.85 -9.19
N ALA A 358 19.69 -29.65 -8.86
CA ALA A 358 20.14 -29.36 -7.50
C ALA A 358 19.01 -29.47 -6.47
N VAL A 359 17.80 -29.03 -6.84
CA VAL A 359 16.67 -29.14 -5.91
C VAL A 359 16.31 -30.61 -5.71
N VAL A 360 16.28 -31.37 -6.80
CA VAL A 360 15.99 -32.81 -6.71
C VAL A 360 17.02 -33.49 -5.78
N ALA A 361 18.29 -33.15 -5.97
CA ALA A 361 19.33 -33.72 -5.11
C ALA A 361 19.16 -33.33 -3.63
N ALA A 362 18.57 -32.18 -3.31
CA ALA A 362 18.40 -31.74 -1.91
C ALA A 362 17.11 -32.23 -1.22
N LEU A 363 16.26 -32.94 -1.95
CA LEU A 363 14.98 -33.38 -1.39
C LEU A 363 15.21 -34.24 -0.16
N MET B 9 -2.47 39.19 12.50
CA MET B 9 -2.38 37.75 12.04
C MET B 9 -2.93 36.79 13.09
N LYS B 10 -4.11 36.26 12.77
CA LYS B 10 -4.92 35.52 13.70
C LYS B 10 -4.69 34.04 13.46
N ILE B 11 -4.31 33.32 14.51
CA ILE B 11 -4.11 31.86 14.42
C ILE B 11 -5.13 31.20 15.34
N ALA B 12 -5.94 30.30 14.76
CA ALA B 12 -6.86 29.43 15.51
C ALA B 12 -6.08 28.21 15.96
N VAL B 13 -5.99 28.03 17.27
CA VAL B 13 -5.24 26.90 17.87
C VAL B 13 -6.23 25.87 18.35
N LEU B 14 -6.17 24.68 17.73
CA LEU B 14 -7.13 23.62 17.96
C LEU B 14 -6.37 22.36 18.42
N PRO B 15 -6.15 22.25 19.72
CA PRO B 15 -5.20 21.24 20.20
C PRO B 15 -5.69 19.81 20.10
N GLY B 16 -6.99 19.60 20.32
CA GLY B 16 -7.57 18.24 20.21
C GLY B 16 -7.43 17.42 21.48
N ASP B 17 -7.07 16.15 21.29
CA ASP B 17 -7.16 15.14 22.33
C ASP B 17 -5.78 14.57 22.65
N GLY B 18 -5.60 14.16 23.90
CA GLY B 18 -4.52 13.24 24.26
C GLY B 18 -3.18 13.90 24.13
N ILE B 19 -2.35 13.45 23.18
CA ILE B 19 -1.06 14.12 23.01
C ILE B 19 -1.20 15.50 22.37
N GLY B 20 -2.36 15.78 21.76
CA GLY B 20 -2.54 17.05 21.03
C GLY B 20 -2.27 18.31 21.83
N PRO B 21 -2.90 18.43 22.99
CA PRO B 21 -2.57 19.58 23.83
C PRO B 21 -1.09 19.65 24.24
N GLU B 22 -0.52 18.52 24.54
CA GLU B 22 0.87 18.48 25.01
C GLU B 22 1.82 19.02 23.95
N ILE B 23 1.62 18.56 22.72
CA ILE B 23 2.48 18.97 21.62
C ILE B 23 2.21 20.39 21.11
N VAL B 24 0.93 20.73 20.98
CA VAL B 24 0.58 22.08 20.59
C VAL B 24 1.02 23.13 21.61
N ASN B 25 1.01 22.80 22.89
CA ASN B 25 1.51 23.73 23.90
C ASN B 25 2.95 24.12 23.65
N GLU B 26 3.72 23.19 23.08
CA GLU B 26 5.14 23.50 22.77
C GLU B 26 5.29 24.34 21.50
N ALA B 27 4.48 24.09 20.48
CA ALA B 27 4.45 24.94 19.30
C ALA B 27 4.04 26.37 19.68
N VAL B 28 3.03 26.50 20.54
CA VAL B 28 2.61 27.83 21.03
C VAL B 28 3.75 28.52 21.82
N LYS B 29 4.43 27.75 22.66
CA LYS B 29 5.60 28.25 23.39
C LYS B 29 6.65 28.83 22.42
N VAL B 30 6.90 28.12 21.34
CA VAL B 30 7.89 28.51 20.34
C VAL B 30 7.40 29.78 19.62
N LEU B 31 6.13 29.82 19.25
CA LEU B 31 5.53 30.99 18.59
C LEU B 31 5.61 32.22 19.52
N ASN B 32 5.34 32.02 20.79
CA ASN B 32 5.36 33.14 21.73
C ASN B 32 6.76 33.66 22.04
N ALA B 33 7.78 32.86 21.73
CA ALA B 33 9.20 33.25 21.91
C ALA B 33 9.76 34.06 20.74
N LEU B 34 9.03 34.14 19.64
CA LEU B 34 9.46 34.94 18.51
C LEU B 34 9.21 36.43 18.80
N ASP B 35 9.86 37.31 18.02
CA ASP B 35 9.66 38.77 18.16
C ASP B 35 8.20 39.16 17.90
N GLU B 36 7.65 38.60 16.83
CA GLU B 36 6.36 38.99 16.25
C GLU B 36 5.21 38.82 17.23
N LYS B 37 4.16 39.61 17.08
CA LYS B 37 2.94 39.47 17.88
C LYS B 37 1.84 38.81 17.05
N PHE B 38 1.39 37.63 17.49
CA PHE B 38 0.29 36.93 16.85
C PHE B 38 -0.91 37.01 17.75
N GLU B 39 -2.10 36.96 17.16
CA GLU B 39 -3.29 36.77 17.95
C GLU B 39 -3.62 35.28 17.93
N LEU B 40 -3.35 34.59 19.03
CA LEU B 40 -3.70 33.17 19.18
C LEU B 40 -5.03 33.05 19.91
N GLU B 41 -5.91 32.18 19.44
CA GLU B 41 -7.13 31.92 20.16
C GLU B 41 -7.39 30.42 20.06
N HIS B 42 -7.73 29.82 21.21
CA HIS B 42 -7.91 28.38 21.34
C HIS B 42 -9.38 28.01 21.22
N ALA B 43 -9.68 26.80 20.71
CA ALA B 43 -11.04 26.28 20.69
C ALA B 43 -10.99 24.76 20.73
N PRO B 44 -12.02 24.15 21.31
CA PRO B 44 -12.02 22.69 21.44
C PRO B 44 -12.36 21.99 20.14
N VAL B 45 -11.73 20.84 19.93
CA VAL B 45 -11.98 20.08 18.73
C VAL B 45 -11.78 18.59 19.02
N GLY B 46 -12.46 17.73 18.27
CA GLY B 46 -12.38 16.27 18.53
C GLY B 46 -13.14 15.83 19.73
N GLY B 47 -12.57 14.90 20.50
CA GLY B 47 -13.19 14.53 21.77
C GLY B 47 -13.40 15.67 22.73
N ALA B 48 -12.48 16.61 22.72
CA ALA B 48 -12.60 17.81 23.51
C ALA B 48 -13.79 18.62 23.06
N GLY B 49 -14.05 18.63 21.77
CA GLY B 49 -15.25 19.30 21.23
C GLY B 49 -16.51 18.60 21.71
N TYR B 50 -16.51 17.28 21.72
CA TYR B 50 -17.69 16.57 22.22
C TYR B 50 -17.90 16.83 23.70
N GLU B 51 -16.82 16.78 24.48
CA GLU B 51 -16.89 17.04 25.91
C GLU B 51 -17.39 18.44 26.20
N ALA B 52 -16.98 19.42 25.41
CA ALA B 52 -17.40 20.80 25.63
C ALA B 52 -18.84 21.09 25.21
N SER B 53 -19.20 20.59 24.04
CA SER B 53 -20.50 20.93 23.49
C SER B 53 -21.20 19.94 22.56
N GLY B 54 -20.81 18.68 22.66
CA GLY B 54 -21.54 17.60 22.02
C GLY B 54 -21.29 17.31 20.57
N HIS B 55 -20.23 17.89 19.96
CA HIS B 55 -19.88 17.63 18.58
C HIS B 55 -18.36 17.79 18.40
N PRO B 56 -17.73 16.92 17.59
CA PRO B 56 -16.28 17.05 17.39
C PRO B 56 -15.85 18.36 16.72
N LEU B 57 -16.74 19.01 15.99
CA LEU B 57 -16.43 20.31 15.38
C LEU B 57 -17.55 21.27 15.75
N PRO B 58 -17.50 21.76 17.00
CA PRO B 58 -18.51 22.74 17.49
C PRO B 58 -18.64 23.91 16.52
N ASP B 59 -19.85 24.43 16.35
CA ASP B 59 -20.03 25.55 15.41
C ASP B 59 -19.06 26.70 15.73
N ALA B 60 -18.85 26.98 17.01
CA ALA B 60 -17.98 28.08 17.37
C ALA B 60 -16.52 27.83 17.01
N THR B 61 -16.09 26.56 17.01
CA THR B 61 -14.75 26.19 16.62
C THR B 61 -14.54 26.35 15.11
N LEU B 62 -15.49 25.87 14.34
CA LEU B 62 -15.47 26.08 12.89
C LEU B 62 -15.43 27.59 12.56
N ALA B 63 -16.24 28.38 13.28
CA ALA B 63 -16.31 29.83 13.00
C ALA B 63 -14.96 30.49 13.26
N LEU B 64 -14.29 30.06 14.32
CA LEU B 64 -12.96 30.59 14.66
C LEU B 64 -11.97 30.21 13.58
N ALA B 65 -12.03 28.95 13.13
CA ALA B 65 -11.14 28.50 12.06
C ALA B 65 -11.38 29.27 10.75
N LYS B 66 -12.65 29.49 10.39
CA LYS B 66 -12.98 30.31 9.22
C LYS B 66 -12.45 31.75 9.31
N GLU B 67 -12.57 32.36 10.48
CA GLU B 67 -12.14 33.78 10.69
C GLU B 67 -10.63 33.89 10.66
N ALA B 68 -9.92 32.86 11.11
CA ALA B 68 -8.46 32.97 11.24
C ALA B 68 -7.67 33.07 9.92
N ASP B 69 -6.43 33.55 10.01
CA ASP B 69 -5.50 33.52 8.88
C ASP B 69 -4.80 32.19 8.65
N ALA B 70 -4.75 31.39 9.71
CA ALA B 70 -4.21 30.02 9.66
C ALA B 70 -4.69 29.27 10.87
N ILE B 71 -4.63 27.95 10.79
CA ILE B 71 -5.03 27.08 11.87
C ILE B 71 -3.84 26.21 12.27
N LEU B 72 -3.58 26.16 13.57
CA LEU B 72 -2.58 25.26 14.16
C LEU B 72 -3.36 24.18 14.91
N PHE B 73 -3.26 22.96 14.41
CA PHE B 73 -4.07 21.81 14.86
C PHE B 73 -3.17 20.73 15.45
N GLY B 74 -3.61 20.13 16.57
CA GLY B 74 -2.87 19.06 17.23
C GLY B 74 -3.15 17.68 16.67
N ALA B 75 -3.86 16.87 17.45
CA ALA B 75 -4.28 15.54 17.08
C ALA B 75 -5.59 15.25 17.76
N VAL B 76 -6.46 14.52 17.09
CA VAL B 76 -7.73 14.09 17.67
C VAL B 76 -7.85 12.59 17.74
N GLY B 77 -8.58 12.13 18.76
CA GLY B 77 -8.81 10.69 18.95
C GLY B 77 -8.31 10.23 20.28
N ASP B 78 -9.09 9.39 20.93
CA ASP B 78 -8.62 8.66 22.10
C ASP B 78 -9.53 7.48 22.34
N TRP B 79 -9.03 6.49 23.09
CA TRP B 79 -9.85 5.33 23.47
C TRP B 79 -11.19 5.79 24.08
N LYS B 80 -11.12 6.73 25.02
CA LYS B 80 -12.33 7.29 25.68
C LYS B 80 -13.48 7.59 24.69
N TYR B 81 -13.15 8.00 23.47
CA TYR B 81 -14.15 8.47 22.50
C TYR B 81 -14.48 7.47 21.39
N ASP B 82 -13.79 6.32 21.37
CA ASP B 82 -14.00 5.35 20.28
C ASP B 82 -15.42 4.79 20.27
N SER B 83 -16.14 4.89 21.39
CA SER B 83 -17.51 4.33 21.47
C SER B 83 -18.61 5.26 20.90
N LEU B 84 -18.32 6.54 20.73
CA LEU B 84 -19.35 7.46 20.20
C LEU B 84 -19.85 7.00 18.85
N GLU B 85 -21.05 7.40 18.49
CA GLU B 85 -21.57 7.15 17.16
C GLU B 85 -20.64 7.75 16.10
N ARG B 86 -20.56 7.09 14.94
CA ARG B 86 -19.62 7.46 13.89
C ARG B 86 -19.53 8.98 13.62
N ALA B 87 -20.67 9.64 13.42
CA ALA B 87 -20.68 11.09 13.09
C ALA B 87 -20.15 12.01 14.20
N LEU B 88 -20.11 11.54 15.45
CA LEU B 88 -19.58 12.38 16.54
C LEU B 88 -18.16 11.96 16.94
N ARG B 89 -17.54 11.02 16.25
CA ARG B 89 -16.20 10.60 16.62
C ARG B 89 -15.18 11.70 16.32
N PRO B 90 -14.10 11.77 17.12
CA PRO B 90 -13.12 12.85 17.01
C PRO B 90 -12.59 13.10 15.62
N GLU B 91 -12.34 12.02 14.88
CA GLU B 91 -11.73 12.11 13.54
C GLU B 91 -12.62 12.88 12.53
N GLN B 92 -13.93 12.95 12.76
CA GLN B 92 -14.83 13.73 11.92
C GLN B 92 -14.50 15.24 11.92
N ALA B 93 -13.80 15.72 12.94
CA ALA B 93 -13.39 17.10 13.00
C ALA B 93 -12.40 17.44 11.88
N ILE B 94 -11.42 16.55 11.65
CA ILE B 94 -10.36 16.76 10.62
C ILE B 94 -11.05 16.88 9.23
N LEU B 95 -11.99 15.97 8.99
CA LEU B 95 -12.67 15.87 7.69
C LEU B 95 -13.58 17.07 7.48
N GLY B 96 -14.28 17.46 8.55
CA GLY B 96 -15.10 18.66 8.47
C GLY B 96 -14.33 19.93 8.23
N LEU B 97 -13.16 20.07 8.87
CA LEU B 97 -12.37 21.30 8.65
C LEU B 97 -11.85 21.32 7.23
N ARG B 98 -11.42 20.17 6.72
CA ARG B 98 -10.89 20.15 5.34
C ARG B 98 -11.99 20.54 4.36
N LYS B 99 -13.18 19.98 4.56
CA LYS B 99 -14.30 20.21 3.66
C LYS B 99 -14.85 21.61 3.77
N HIS B 100 -15.19 22.06 4.98
CA HIS B 100 -15.80 23.38 5.13
C HIS B 100 -14.89 24.53 4.73
N LEU B 101 -13.58 24.38 4.94
CA LEU B 101 -12.60 25.40 4.59
C LEU B 101 -11.95 25.19 3.21
N GLU B 102 -12.40 24.18 2.47
CA GLU B 102 -11.93 23.96 1.09
C GLU B 102 -10.41 23.84 1.03
N LEU B 103 -9.87 23.07 1.98
CA LEU B 103 -8.42 22.86 2.05
C LEU B 103 -8.07 21.68 1.15
N PHE B 104 -8.02 21.91 -0.16
CA PHE B 104 -7.87 20.78 -1.10
C PHE B 104 -6.43 20.33 -1.33
N ALA B 105 -5.44 21.13 -0.92
CA ALA B 105 -4.04 20.82 -1.25
C ALA B 105 -3.29 20.42 0.01
N ASN B 106 -2.96 19.14 0.13
CA ASN B 106 -2.22 18.62 1.29
C ASN B 106 -0.74 18.44 0.93
N PHE B 107 0.15 18.93 1.78
CA PHE B 107 1.58 18.83 1.58
C PHE B 107 2.16 17.95 2.67
N ARG B 108 2.82 16.88 2.27
CA ARG B 108 3.40 15.93 3.21
C ARG B 108 4.90 15.75 2.93
N PRO B 109 5.75 16.49 3.65
CA PRO B 109 7.19 16.23 3.51
C PRO B 109 7.60 14.87 4.11
N ALA B 110 8.54 14.19 3.46
CA ALA B 110 9.17 13.04 4.05
C ALA B 110 10.65 13.38 4.06
N ILE B 111 11.17 13.62 5.26
CA ILE B 111 12.58 14.02 5.47
C ILE B 111 13.19 13.05 6.48
N CYS B 112 14.42 12.59 6.22
CA CYS B 112 15.16 11.75 7.17
C CYS B 112 16.29 12.62 7.71
N TYR B 113 16.27 12.89 9.03
CA TYR B 113 17.25 13.77 9.69
C TYR B 113 18.54 12.97 9.93
N PRO B 114 19.69 13.63 9.77
CA PRO B 114 20.97 12.90 9.83
C PRO B 114 21.22 12.21 11.17
N GLN B 115 20.75 12.80 12.26
CA GLN B 115 20.92 12.18 13.57
C GLN B 115 20.10 10.90 13.76
N LEU B 116 19.10 10.71 12.91
CA LEU B 116 18.08 9.72 13.12
C LEU B 116 18.03 8.67 12.00
N VAL B 117 19.06 8.62 11.15
CA VAL B 117 19.07 7.70 10.02
CA VAL B 117 19.09 7.69 10.01
C VAL B 117 18.85 6.23 10.43
N ASP B 118 19.39 5.83 11.57
CA ASP B 118 19.33 4.41 12.00
CA ASP B 118 19.33 4.41 11.95
C ASP B 118 17.93 3.94 12.37
N ALA B 119 17.02 4.90 12.59
CA ALA B 119 15.64 4.58 12.93
C ALA B 119 14.88 4.03 11.72
N SER B 120 15.32 4.39 10.53
CA SER B 120 14.70 3.94 9.27
C SER B 120 14.81 2.40 9.15
N PRO B 121 13.73 1.76 8.68
CA PRO B 121 13.81 0.33 8.33
C PRO B 121 14.69 0.09 7.10
N LEU B 122 14.95 1.13 6.31
CA LEU B 122 15.81 1.00 5.13
C LEU B 122 17.28 1.04 5.48
N LYS B 123 18.08 0.38 4.64
CA LYS B 123 19.53 0.52 4.74
C LYS B 123 19.86 2.01 4.69
N PRO B 124 20.82 2.45 5.49
CA PRO B 124 21.02 3.94 5.66
C PRO B 124 21.32 4.71 4.37
N GLU B 125 22.07 4.11 3.44
CA GLU B 125 22.38 4.77 2.18
C GLU B 125 21.16 5.06 1.32
N LEU B 126 20.05 4.38 1.58
CA LEU B 126 18.84 4.64 0.79
C LEU B 126 18.06 5.84 1.34
N VAL B 127 18.30 6.20 2.60
CA VAL B 127 17.53 7.28 3.27
C VAL B 127 18.32 8.48 3.76
N ALA B 128 19.64 8.39 3.80
CA ALA B 128 20.47 9.52 4.23
C ALA B 128 20.21 10.67 3.27
N GLY B 129 19.85 11.81 3.83
CA GLY B 129 19.55 12.97 3.02
C GLY B 129 18.20 12.98 2.34
N LEU B 130 17.33 12.03 2.65
CA LEU B 130 16.02 12.01 1.97
C LEU B 130 15.26 13.29 2.25
N ASP B 131 14.72 13.88 1.19
CA ASP B 131 13.85 15.03 1.29
C ASP B 131 12.98 15.01 0.03
N ILE B 132 11.79 14.45 0.17
CA ILE B 132 10.79 14.45 -0.91
C ILE B 132 9.48 15.02 -0.38
N LEU B 133 8.59 15.36 -1.31
CA LEU B 133 7.37 16.02 -0.95
C LEU B 133 6.25 15.33 -1.68
N ILE B 134 5.27 14.88 -0.91
CA ILE B 134 4.07 14.33 -1.50
C ILE B 134 2.95 15.37 -1.42
N VAL B 135 2.35 15.64 -2.58
CA VAL B 135 1.17 16.50 -2.67
C VAL B 135 -0.05 15.60 -2.87
N ARG B 136 -0.98 15.67 -1.94
CA ARG B 136 -2.14 14.81 -1.90
C ARG B 136 -3.40 15.66 -2.07
N GLU B 137 -4.20 15.33 -3.08
CA GLU B 137 -5.52 15.95 -3.25
C GLU B 137 -6.41 15.56 -2.07
N LEU B 138 -7.08 16.55 -1.45
CA LEU B 138 -7.70 16.32 -0.14
C LEU B 138 -9.20 16.53 -0.05
N ASN B 139 -9.85 17.03 -1.10
CA ASN B 139 -11.27 17.36 -1.03
C ASN B 139 -12.17 16.46 -1.90
N GLY B 140 -11.60 15.53 -2.66
CA GLY B 140 -12.37 14.74 -3.59
C GLY B 140 -12.07 13.28 -3.48
N ASP B 141 -12.22 12.56 -4.61
CA ASP B 141 -11.93 11.13 -4.70
C ASP B 141 -13.03 10.24 -4.09
N ILE B 142 -12.78 8.95 -4.11
CA ILE B 142 -13.62 7.96 -3.48
C ILE B 142 -13.91 8.21 -2.00
N TYR B 143 -13.07 9.01 -1.33
CA TYR B 143 -13.26 9.31 0.09
C TYR B 143 -14.52 10.18 0.34
N PHE B 144 -14.96 10.92 -0.69
CA PHE B 144 -16.20 11.73 -0.61
C PHE B 144 -17.27 11.39 -1.65
N GLY B 145 -16.92 10.57 -2.65
CA GLY B 145 -17.75 10.45 -3.85
C GLY B 145 -19.13 9.85 -3.62
N GLN B 146 -20.15 10.45 -4.22
CA GLN B 146 -21.50 9.94 -4.13
C GLN B 146 -21.90 9.27 -5.44
N PRO B 147 -22.76 8.23 -5.39
CA PRO B 147 -23.34 7.65 -4.18
C PRO B 147 -22.43 6.62 -3.46
N ARG B 148 -22.82 6.29 -2.23
CA ARG B 148 -22.08 5.38 -1.39
C ARG B 148 -23.00 4.87 -0.28
N GLY B 149 -22.73 3.69 0.23
CA GLY B 149 -23.56 3.14 1.29
C GLY B 149 -23.61 1.63 1.26
N VAL B 150 -24.74 1.11 1.72
CA VAL B 150 -25.04 -0.31 1.63
C VAL B 150 -26.44 -0.41 1.04
N ARG B 151 -26.63 -1.42 0.20
CA ARG B 151 -27.82 -1.55 -0.66
C ARG B 151 -28.01 -3.02 -1.01
N ALA B 152 -29.12 -3.31 -1.69
CA ALA B 152 -29.24 -4.54 -2.43
C ALA B 152 -28.51 -4.36 -3.77
N ALA B 153 -27.64 -5.29 -4.14
CA ALA B 153 -26.87 -5.13 -5.37
C ALA B 153 -27.84 -4.99 -6.57
N PRO B 154 -27.74 -3.88 -7.34
CA PRO B 154 -28.73 -3.61 -8.40
C PRO B 154 -28.55 -4.48 -9.64
N ASP B 155 -27.39 -5.13 -9.78
CA ASP B 155 -27.08 -5.86 -11.00
C ASP B 155 -25.85 -6.75 -10.79
N GLY B 156 -25.44 -7.45 -11.84
CA GLY B 156 -24.35 -8.42 -11.78
C GLY B 156 -24.75 -9.77 -11.18
N PRO B 157 -23.78 -10.71 -11.07
CA PRO B 157 -24.05 -12.07 -10.59
C PRO B 157 -24.55 -12.18 -9.16
N PHE B 158 -24.33 -11.13 -8.37
CA PHE B 158 -24.79 -11.11 -7.00
C PHE B 158 -25.94 -10.13 -6.83
N ALA B 159 -26.65 -9.83 -7.92
CA ALA B 159 -27.88 -9.01 -7.85
C ALA B 159 -28.77 -9.44 -6.68
N GLY B 160 -29.27 -8.47 -5.91
CA GLY B 160 -30.15 -8.72 -4.77
C GLY B 160 -29.50 -8.91 -3.41
N GLU B 161 -28.23 -9.30 -3.40
CA GLU B 161 -27.47 -9.52 -2.15
C GLU B 161 -27.12 -8.18 -1.49
N ARG B 162 -26.85 -8.21 -0.19
CA ARG B 162 -26.39 -7.01 0.50
C ARG B 162 -25.04 -6.66 -0.09
N GLU B 163 -24.81 -5.37 -0.32
CA GLU B 163 -23.57 -4.93 -1.00
C GLU B 163 -23.16 -3.57 -0.48
N GLY B 164 -21.87 -3.40 -0.15
CA GLY B 164 -21.34 -2.09 0.23
C GLY B 164 -20.74 -1.46 -1.02
N PHE B 165 -20.80 -0.13 -1.12
CA PHE B 165 -20.32 0.56 -2.32
C PHE B 165 -19.91 2.01 -2.05
N ASP B 166 -18.92 2.46 -2.82
CA ASP B 166 -18.50 3.85 -2.85
C ASP B 166 -18.23 4.23 -4.30
N THR B 167 -18.33 5.51 -4.60
CA THR B 167 -18.02 6.00 -5.95
C THR B 167 -16.74 6.84 -5.98
N MET B 168 -15.75 6.35 -6.71
CA MET B 168 -14.57 7.14 -7.05
C MET B 168 -14.93 8.11 -8.18
N ARG B 169 -14.58 9.39 -8.03
CA ARG B 169 -14.81 10.39 -9.06
C ARG B 169 -13.89 11.60 -8.87
N TYR B 170 -13.49 12.16 -10.00
CA TYR B 170 -12.67 13.34 -10.05
C TYR B 170 -13.09 14.14 -11.27
N SER B 171 -13.44 15.41 -11.05
CA SER B 171 -13.81 16.32 -12.12
C SER B 171 -12.59 17.11 -12.60
N GLU B 172 -12.70 17.70 -13.80
CA GLU B 172 -11.58 18.43 -14.37
C GLU B 172 -11.01 19.53 -13.45
N PRO B 173 -11.85 20.40 -12.88
CA PRO B 173 -11.25 21.48 -12.09
C PRO B 173 -10.54 20.97 -10.83
N GLU B 174 -11.01 19.84 -10.30
CA GLU B 174 -10.40 19.25 -9.11
C GLU B 174 -9.01 18.74 -9.41
N VAL B 175 -8.78 18.18 -10.59
CA VAL B 175 -7.44 17.70 -10.93
C VAL B 175 -6.57 18.89 -11.35
N ARG B 176 -7.16 19.83 -12.07
CA ARG B 176 -6.42 21.01 -12.51
C ARG B 176 -5.83 21.78 -11.34
N ARG B 177 -6.62 22.01 -10.32
CA ARG B 177 -6.15 22.86 -9.23
C ARG B 177 -5.03 22.18 -8.42
N ILE B 178 -5.11 20.86 -8.20
CA ILE B 178 -4.01 20.18 -7.44
C ILE B 178 -2.78 19.98 -8.34
N ALA B 179 -2.99 19.80 -9.64
CA ALA B 179 -1.87 19.76 -10.60
C ALA B 179 -1.04 21.03 -10.56
N HIS B 180 -1.71 22.18 -10.64
CA HIS B 180 -1.00 23.45 -10.61
C HIS B 180 -0.15 23.61 -9.35
N VAL B 181 -0.74 23.27 -8.20
CA VAL B 181 -0.05 23.29 -6.91
C VAL B 181 1.23 22.47 -6.95
N ALA B 182 1.11 21.26 -7.49
CA ALA B 182 2.23 20.32 -7.53
C ALA B 182 3.32 20.78 -8.50
N PHE B 183 2.94 21.29 -9.67
CA PHE B 183 3.92 21.85 -10.63
C PHE B 183 4.63 23.08 -10.03
N GLN B 184 3.89 23.93 -9.33
CA GLN B 184 4.50 25.10 -8.69
C GLN B 184 5.51 24.67 -7.61
N ALA B 185 5.21 23.61 -6.87
CA ALA B 185 6.14 23.08 -5.88
C ALA B 185 7.40 22.52 -6.57
N ALA B 186 7.22 21.79 -7.66
CA ALA B 186 8.34 21.23 -8.41
C ALA B 186 9.26 22.34 -8.96
N GLN B 187 8.67 23.43 -9.45
CA GLN B 187 9.45 24.58 -9.97
C GLN B 187 10.42 25.16 -8.96
N LYS B 188 10.01 25.20 -7.70
CA LYS B 188 10.80 25.73 -6.61
C LYS B 188 11.81 24.71 -6.05
N ARG B 189 11.74 23.46 -6.49
CA ARG B 189 12.66 22.40 -6.04
C ARG B 189 13.54 21.89 -7.19
N ALA B 190 13.43 20.61 -7.55
CA ALA B 190 14.32 19.96 -8.51
C ALA B 190 13.71 19.86 -9.90
N LYS B 191 12.54 20.46 -10.08
CA LYS B 191 11.85 20.55 -11.37
C LYS B 191 11.48 19.17 -11.94
N LYS B 192 11.16 18.24 -11.02
CA LYS B 192 10.72 16.89 -11.34
C LYS B 192 9.41 16.62 -10.61
N LEU B 193 8.42 16.20 -11.36
CA LEU B 193 7.10 15.87 -10.78
C LEU B 193 6.68 14.50 -11.23
N LEU B 194 6.32 13.66 -10.27
CA LEU B 194 5.74 12.35 -10.58
C LEU B 194 4.29 12.37 -10.24
N SER B 195 3.42 12.05 -11.20
CA SER B 195 2.01 11.88 -10.97
C SER B 195 1.69 10.39 -10.84
N VAL B 196 1.00 10.03 -9.77
CA VAL B 196 0.67 8.66 -9.49
C VAL B 196 -0.81 8.38 -9.61
N ASP B 197 -1.14 7.32 -10.34
CA ASP B 197 -2.52 6.96 -10.56
C ASP B 197 -2.63 5.44 -10.72
N LYS B 198 -3.82 4.95 -11.06
CA LYS B 198 -3.98 3.56 -11.48
C LYS B 198 -4.65 3.48 -12.86
N SER B 199 -4.04 4.17 -13.83
CA SER B 199 -4.73 4.43 -15.12
C SER B 199 -4.86 3.20 -16.02
N ASN B 200 -4.11 2.14 -15.74
CA ASN B 200 -4.28 0.91 -16.50
C ASN B 200 -5.53 0.12 -16.11
N VAL B 201 -6.22 0.52 -15.04
CA VAL B 201 -7.40 -0.19 -14.59
C VAL B 201 -8.56 0.78 -14.34
N LEU B 202 -8.29 1.96 -13.77
CA LEU B 202 -9.38 2.85 -13.35
C LEU B 202 -9.62 3.99 -14.29
N GLU B 203 -10.88 4.20 -14.63
CA GLU B 203 -11.29 5.27 -15.52
C GLU B 203 -11.03 6.64 -14.89
N THR B 204 -11.27 6.75 -13.58
CA THR B 204 -10.94 8.00 -12.88
C THR B 204 -9.46 8.37 -13.05
N SER B 205 -8.60 7.35 -13.00
CA SER B 205 -7.16 7.51 -13.07
C SER B 205 -6.68 7.90 -14.46
N GLN B 206 -7.28 7.30 -15.48
CA GLN B 206 -6.90 7.73 -16.84
C GLN B 206 -7.32 9.18 -17.06
N PHE B 207 -8.47 9.56 -16.49
CA PHE B 207 -8.96 10.95 -16.57
C PHE B 207 -7.97 11.88 -15.86
N TRP B 208 -7.56 11.50 -14.65
CA TRP B 208 -6.54 12.24 -13.90
C TRP B 208 -5.27 12.47 -14.74
N ARG B 209 -4.79 11.40 -15.34
CA ARG B 209 -3.56 11.43 -16.12
C ARG B 209 -3.71 12.36 -17.33
N ASP B 210 -4.86 12.27 -18.00
CA ASP B 210 -5.12 13.14 -19.15
C ASP B 210 -5.06 14.59 -18.71
N VAL B 211 -5.69 14.94 -17.59
CA VAL B 211 -5.67 16.34 -17.16
C VAL B 211 -4.26 16.79 -16.74
N MET B 212 -3.53 15.91 -16.06
CA MET B 212 -2.16 16.18 -15.66
C MET B 212 -1.33 16.49 -16.89
N ILE B 213 -1.50 15.68 -17.92
CA ILE B 213 -0.74 15.89 -19.15
C ILE B 213 -1.11 17.25 -19.76
N ASP B 214 -2.41 17.56 -19.76
CA ASP B 214 -2.85 18.86 -20.27
C ASP B 214 -2.27 20.03 -19.49
N VAL B 215 -2.25 19.94 -18.15
CA VAL B 215 -1.65 20.98 -17.35
C VAL B 215 -0.15 21.08 -17.60
N SER B 216 0.52 19.95 -17.90
CA SER B 216 1.97 19.92 -18.06
C SER B 216 2.48 20.82 -19.19
N LYS B 217 1.61 21.05 -20.16
CA LYS B 217 1.93 21.96 -21.28
C LYS B 217 2.28 23.35 -20.81
N GLU B 218 1.77 23.76 -19.65
CA GLU B 218 2.07 25.09 -19.10
C GLU B 218 3.38 25.15 -18.29
N TYR B 219 4.06 24.02 -18.07
CA TYR B 219 5.28 23.98 -17.25
C TYR B 219 6.36 23.25 -18.01
N ALA B 220 6.86 23.87 -19.08
CA ALA B 220 7.89 23.24 -19.94
C ALA B 220 9.21 23.00 -19.20
N ASP B 221 9.42 23.70 -18.10
CA ASP B 221 10.61 23.58 -17.28
C ASP B 221 10.53 22.44 -16.23
N VAL B 222 9.39 21.75 -16.14
CA VAL B 222 9.25 20.64 -15.18
C VAL B 222 9.13 19.34 -15.94
N GLU B 223 9.93 18.36 -15.56
CA GLU B 223 9.86 17.02 -16.13
C GLU B 223 8.74 16.26 -15.42
N LEU B 224 7.68 15.94 -16.16
CA LEU B 224 6.57 15.12 -15.66
C LEU B 224 6.76 13.66 -16.03
N SER B 225 6.66 12.78 -15.03
CA SER B 225 6.63 11.34 -15.23
CA SER B 225 6.59 11.35 -15.27
C SER B 225 5.36 10.80 -14.57
N HIS B 226 4.97 9.59 -14.93
CA HIS B 226 3.78 8.97 -14.40
C HIS B 226 4.13 7.58 -13.87
N MET B 227 3.41 7.16 -12.85
CA MET B 227 3.66 5.85 -12.27
C MET B 227 2.36 5.32 -11.67
N TYR B 228 2.12 4.02 -11.81
CA TYR B 228 0.99 3.36 -11.17
C TYR B 228 1.23 3.23 -9.68
N VAL B 229 0.15 3.34 -8.91
CA VAL B 229 0.23 3.34 -7.44
C VAL B 229 0.88 2.08 -6.87
N ASP B 230 0.59 0.92 -7.43
CA ASP B 230 1.28 -0.28 -7.01
C ASP B 230 2.78 -0.20 -7.23
N ASN B 231 3.21 0.28 -8.40
CA ASN B 231 4.64 0.45 -8.60
C ASN B 231 5.26 1.55 -7.73
N ALA B 232 4.53 2.64 -7.48
CA ALA B 232 5.01 3.69 -6.57
C ALA B 232 5.25 3.15 -5.16
N ALA B 233 4.36 2.29 -4.67
CA ALA B 233 4.54 1.66 -3.36
C ALA B 233 5.86 0.88 -3.34
N MET B 234 6.16 0.19 -4.44
CA MET B 234 7.41 -0.53 -4.56
C MET B 234 8.58 0.43 -4.60
N GLN B 235 8.49 1.44 -5.44
CA GLN B 235 9.64 2.29 -5.69
C GLN B 235 10.02 3.22 -4.51
N LEU B 236 9.03 3.62 -3.72
CA LEU B 236 9.30 4.33 -2.48
C LEU B 236 10.12 3.47 -1.52
N ALA B 237 9.82 2.18 -1.44
CA ALA B 237 10.55 1.28 -0.59
C ALA B 237 11.95 0.96 -1.10
N LYS B 238 12.08 0.85 -2.41
CA LYS B 238 13.35 0.47 -3.01
CA LYS B 238 13.35 0.47 -3.02
C LYS B 238 14.37 1.60 -2.96
N ALA B 239 13.93 2.82 -3.28
CA ALA B 239 14.84 3.97 -3.41
C ALA B 239 14.04 5.24 -3.40
N PRO B 240 13.64 5.68 -2.19
CA PRO B 240 12.78 6.86 -2.13
C PRO B 240 13.49 8.15 -2.61
N LYS B 241 14.82 8.20 -2.61
CA LYS B 241 15.49 9.41 -3.12
C LYS B 241 15.43 9.61 -4.65
N GLN B 242 14.89 8.66 -5.40
CA GLN B 242 14.68 8.86 -6.84
C GLN B 242 13.66 9.94 -7.20
N PHE B 243 12.82 10.33 -6.22
CA PHE B 243 11.74 11.26 -6.43
C PHE B 243 12.08 12.62 -5.84
N ASP B 244 11.29 13.61 -6.21
CA ASP B 244 11.38 14.90 -5.55
C ASP B 244 9.99 15.36 -5.11
N VAL B 245 9.12 15.65 -6.06
CA VAL B 245 7.72 15.90 -5.76
C VAL B 245 6.87 14.83 -6.42
N ILE B 246 5.93 14.32 -5.64
CA ILE B 246 4.93 13.37 -6.09
C ILE B 246 3.54 13.97 -5.90
N VAL B 247 2.68 13.88 -6.92
CA VAL B 247 1.29 14.31 -6.80
C VAL B 247 0.34 13.15 -7.06
N THR B 248 -0.73 13.07 -6.28
CA THR B 248 -1.67 11.96 -6.42
C THR B 248 -3.01 12.29 -5.75
N GLY B 249 -3.99 11.40 -5.91
CA GLY B 249 -5.32 11.59 -5.40
C GLY B 249 -5.37 11.38 -3.89
N ASN B 250 -6.57 11.58 -3.36
CA ASN B 250 -6.80 11.56 -1.92
C ASN B 250 -6.43 10.21 -1.31
N MET B 251 -7.00 9.14 -1.87
CA MET B 251 -6.79 7.79 -1.38
C MET B 251 -5.35 7.31 -1.57
N PHE B 252 -4.84 7.42 -2.79
CA PHE B 252 -3.48 6.98 -3.04
C PHE B 252 -2.46 7.80 -2.28
N GLY B 253 -2.74 9.09 -2.08
CA GLY B 253 -1.83 9.95 -1.31
C GLY B 253 -1.82 9.65 0.17
N ASP B 254 -2.96 9.26 0.70
CA ASP B 254 -3.06 8.78 2.10
C ASP B 254 -2.10 7.59 2.31
N ILE B 255 -2.19 6.61 1.42
CA ILE B 255 -1.36 5.41 1.52
C ILE B 255 0.12 5.72 1.29
N LEU B 256 0.46 6.44 0.21
CA LEU B 256 1.86 6.66 -0.12
C LEU B 256 2.57 7.61 0.84
N SER B 257 1.87 8.64 1.30
CA SER B 257 2.48 9.57 2.26
CA SER B 257 2.50 9.57 2.24
C SER B 257 2.78 8.85 3.54
N ASP B 258 1.85 8.01 3.99
CA ASP B 258 2.09 7.24 5.22
C ASP B 258 3.25 6.25 5.03
N GLU B 259 3.28 5.58 3.88
CA GLU B 259 4.42 4.71 3.59
C GLU B 259 5.76 5.49 3.66
N ALA B 260 5.83 6.60 2.97
CA ALA B 260 7.03 7.46 2.96
C ALA B 260 7.41 7.94 4.35
N SER B 261 6.42 8.29 5.16
CA SER B 261 6.68 8.70 6.55
CA SER B 261 6.69 8.72 6.53
C SER B 261 7.34 7.58 7.32
N MET B 262 6.82 6.37 7.18
CA MET B 262 7.43 5.26 7.90
C MET B 262 8.85 4.98 7.44
N LEU B 263 9.11 5.11 6.14
CA LEU B 263 10.46 4.87 5.61
C LEU B 263 11.50 5.86 6.14
N THR B 264 11.07 7.04 6.62
CA THR B 264 12.05 7.93 7.23
C THR B 264 12.55 7.41 8.56
N GLY B 265 11.73 6.60 9.22
CA GLY B 265 12.01 6.02 10.51
C GLY B 265 11.43 6.77 11.70
N SER B 266 11.02 8.02 11.51
CA SER B 266 10.64 8.88 12.65
C SER B 266 9.44 9.77 12.28
N ILE B 267 8.23 9.23 12.44
CA ILE B 267 7.03 9.98 12.08
C ILE B 267 6.79 11.18 13.03
N GLY B 268 7.40 11.13 14.21
CA GLY B 268 7.28 12.25 15.17
C GLY B 268 7.95 13.54 14.74
N MET B 269 8.71 13.53 13.62
CA MET B 269 9.36 14.71 13.08
C MET B 269 8.59 15.43 11.95
N LEU B 270 7.53 14.83 11.42
CA LEU B 270 7.02 15.22 10.11
C LEU B 270 5.70 15.96 10.22
N PRO B 271 5.66 17.18 9.70
CA PRO B 271 4.43 18.00 9.72
C PRO B 271 3.58 17.80 8.49
N SER B 272 2.39 18.38 8.52
CA SER B 272 1.45 18.29 7.40
C SER B 272 0.85 19.67 7.22
N ALA B 273 0.57 20.06 5.98
CA ALA B 273 -0.15 21.31 5.71
C ALA B 273 -1.29 21.03 4.75
N SER B 274 -2.43 21.66 4.99
CA SER B 274 -3.58 21.52 4.13
C SER B 274 -4.04 22.92 3.79
N LEU B 275 -3.99 23.30 2.52
CA LEU B 275 -4.18 24.69 2.09
C LEU B 275 -5.37 24.88 1.16
N ASP B 276 -5.95 26.08 1.20
CA ASP B 276 -6.96 26.50 0.23
C ASP B 276 -6.35 27.28 -0.95
N LYS B 277 -7.23 27.80 -1.80
CA LYS B 277 -6.88 28.52 -3.03
CA LYS B 277 -6.87 28.53 -3.03
C LYS B 277 -6.08 29.80 -2.75
N ASN B 278 -6.19 30.33 -1.53
CA ASN B 278 -5.50 31.55 -1.11
C ASN B 278 -4.29 31.34 -0.22
N ASN B 279 -3.86 30.09 -0.12
CA ASN B 279 -2.80 29.64 0.76
C ASN B 279 -3.06 29.83 2.23
N LYS B 280 -4.30 30.00 2.64
CA LYS B 280 -4.68 29.83 4.04
C LYS B 280 -4.64 28.33 4.35
N GLY B 281 -4.02 27.96 5.46
CA GLY B 281 -3.77 26.57 5.73
C GLY B 281 -4.06 26.14 7.14
N LEU B 282 -4.30 24.84 7.28
CA LEU B 282 -4.32 24.14 8.55
C LEU B 282 -3.02 23.31 8.62
N TYR B 283 -2.31 23.50 9.73
CA TYR B 283 -0.98 22.96 9.94
C TYR B 283 -1.01 22.08 11.19
N GLU B 284 -0.53 20.85 11.03
CA GLU B 284 -0.61 19.84 12.05
C GLU B 284 0.52 18.83 11.96
N PRO B 285 0.84 18.14 13.08
CA PRO B 285 1.75 17.01 12.92
C PRO B 285 1.09 15.97 12.04
N SER B 286 1.87 15.23 11.23
CA SER B 286 1.28 14.21 10.35
C SER B 286 0.93 12.95 11.07
N HIS B 287 1.44 12.78 12.28
CA HIS B 287 1.46 11.46 12.93
C HIS B 287 0.17 11.03 13.57
N GLY B 288 -0.74 11.94 13.85
CA GLY B 288 -2.00 11.56 14.47
C GLY B 288 -1.88 11.25 15.96
N SER B 289 -2.93 10.66 16.49
CA SER B 289 -3.06 10.41 17.90
C SER B 289 -2.05 9.33 18.37
N ALA B 290 -1.77 9.31 19.68
CA ALA B 290 -0.93 8.29 20.33
C ALA B 290 -1.51 7.97 21.70
N PRO B 291 -2.61 7.21 21.72
CA PRO B 291 -3.30 7.00 22.97
C PRO B 291 -2.48 6.31 24.08
N ASP B 292 -1.51 5.47 23.69
CA ASP B 292 -0.64 4.76 24.64
C ASP B 292 0.23 5.69 25.52
N ILE B 293 0.53 6.88 25.02
CA ILE B 293 1.35 7.84 25.80
C ILE B 293 0.65 9.15 26.12
N ALA B 294 -0.62 9.25 25.75
CA ALA B 294 -1.30 10.52 25.86
C ALA B 294 -1.34 11.00 27.31
N GLY B 295 -0.93 12.23 27.53
CA GLY B 295 -1.00 12.85 28.85
C GLY B 295 0.19 12.56 29.75
N LYS B 296 1.14 11.75 29.27
CA LYS B 296 2.26 11.29 30.08
C LYS B 296 3.46 12.20 29.98
N GLY B 297 3.36 13.24 29.15
CA GLY B 297 4.43 14.25 29.06
C GLY B 297 5.65 13.83 28.25
N ILE B 298 5.50 12.84 27.39
CA ILE B 298 6.63 12.30 26.63
C ILE B 298 6.57 12.36 25.11
N ALA B 299 5.41 12.62 24.53
CA ALA B 299 5.30 12.77 23.08
C ALA B 299 6.26 13.76 22.45
N ASN B 300 6.74 13.41 21.27
CA ASN B 300 7.57 14.29 20.49
C ASN B 300 6.79 15.50 19.98
N PRO B 301 7.19 16.73 20.39
CA PRO B 301 6.54 17.92 19.86
C PRO B 301 7.11 18.45 18.56
N LEU B 302 8.20 17.86 18.06
CA LEU B 302 8.93 18.46 16.92
C LEU B 302 8.13 18.55 15.63
N ALA B 303 7.34 17.51 15.29
CA ALA B 303 6.44 17.63 14.11
C ALA B 303 5.49 18.79 14.23
N THR B 304 4.98 19.03 15.43
CA THR B 304 4.00 20.11 15.61
C THR B 304 4.70 21.49 15.55
N ILE B 305 5.88 21.61 16.16
CA ILE B 305 6.67 22.82 16.08
C ILE B 305 7.05 23.09 14.63
N LEU B 306 7.43 22.05 13.90
CA LEU B 306 7.79 22.23 12.47
C LEU B 306 6.55 22.59 11.62
N SER B 307 5.38 22.13 12.05
CA SER B 307 4.14 22.53 11.39
CA SER B 307 4.12 22.54 11.42
C SER B 307 3.86 24.02 11.61
N ALA B 308 4.24 24.55 12.77
CA ALA B 308 4.13 25.99 13.01
C ALA B 308 5.09 26.77 12.13
N ALA B 309 6.27 26.19 11.84
CA ALA B 309 7.21 26.81 10.89
C ALA B 309 6.59 26.87 9.50
N MET B 310 6.00 25.76 9.04
CA MET B 310 5.24 25.76 7.78
C MET B 310 4.13 26.82 7.75
N LEU B 311 3.41 26.96 8.87
CA LEU B 311 2.33 27.91 8.97
C LEU B 311 2.85 29.34 8.67
N LEU B 312 3.99 29.66 9.26
CA LEU B 312 4.58 31.00 9.13
C LEU B 312 5.03 31.22 7.71
N ARG B 313 5.66 30.20 7.14
CA ARG B 313 6.21 30.29 5.76
C ARG B 313 5.15 30.34 4.68
N TYR B 314 4.15 29.48 4.77
CA TYR B 314 3.18 29.36 3.69
C TYR B 314 1.90 30.16 3.81
N SER B 315 1.45 30.47 5.03
CA SER B 315 0.26 31.28 5.24
C SER B 315 0.49 32.69 5.75
N LEU B 316 1.53 32.97 6.54
CA LEU B 316 1.62 34.30 7.17
C LEU B 316 2.77 35.16 6.67
N ASN B 317 3.42 34.74 5.59
CA ASN B 317 4.52 35.49 4.97
C ASN B 317 5.59 35.85 6.00
N ARG B 318 5.98 34.87 6.81
CA ARG B 318 7.04 35.08 7.78
C ARG B 318 8.09 33.98 7.59
N ALA B 319 8.69 33.96 6.40
CA ALA B 319 9.66 32.90 6.07
C ALA B 319 10.91 32.98 6.95
N GLU B 320 11.33 34.20 7.32
CA GLU B 320 12.48 34.33 8.23
C GLU B 320 12.21 33.73 9.60
N GLN B 321 10.98 33.85 10.10
CA GLN B 321 10.60 33.25 11.36
C GLN B 321 10.55 31.71 11.25
N ALA B 322 10.07 31.21 10.11
CA ALA B 322 10.09 29.77 9.80
C ALA B 322 11.52 29.26 9.79
N ASP B 323 12.40 30.03 9.14
CA ASP B 323 13.82 29.68 9.10
C ASP B 323 14.40 29.54 10.51
N ARG B 324 14.03 30.46 11.39
CA ARG B 324 14.60 30.49 12.75
C ARG B 324 14.14 29.25 13.52
N ILE B 325 12.87 28.91 13.37
CA ILE B 325 12.35 27.69 14.02
C ILE B 325 13.06 26.43 13.49
N GLU B 326 13.17 26.32 12.17
CA GLU B 326 13.83 25.17 11.57
C GLU B 326 15.29 25.06 11.98
N ARG B 327 15.99 26.20 12.10
CA ARG B 327 17.36 26.22 12.57
C ARG B 327 17.43 25.74 14.03
N ALA B 328 16.47 26.19 14.84
CA ALA B 328 16.46 25.83 16.24
C ALA B 328 16.26 24.31 16.40
N VAL B 329 15.40 23.71 15.59
CA VAL B 329 15.21 22.25 15.62
C VAL B 329 16.51 21.52 15.25
N LYS B 330 17.16 21.96 14.18
CA LYS B 330 18.45 21.37 13.78
C LYS B 330 19.43 21.42 14.93
N THR B 331 19.47 22.56 15.60
CA THR B 331 20.42 22.80 16.67
C THR B 331 20.17 21.88 17.84
N VAL B 332 18.91 21.73 18.25
CA VAL B 332 18.61 20.84 19.39
C VAL B 332 18.93 19.39 19.05
N LEU B 333 18.77 19.02 17.79
CA LEU B 333 19.14 17.66 17.37
C LEU B 333 20.69 17.46 17.47
N GLU B 334 21.43 18.46 17.02
CA GLU B 334 22.90 18.47 17.13
C GLU B 334 23.39 18.53 18.55
N GLN B 335 22.64 19.18 19.45
CA GLN B 335 22.94 19.20 20.88
C GLN B 335 22.66 17.87 21.61
N GLY B 336 21.99 16.95 20.93
CA GLY B 336 21.78 15.60 21.47
C GLY B 336 20.42 15.37 22.12
N TYR B 337 19.53 16.37 22.06
CA TYR B 337 18.17 16.23 22.62
C TYR B 337 17.30 15.25 21.81
N ARG B 338 16.65 14.34 22.53
CA ARG B 338 15.75 13.36 21.91
C ARG B 338 14.58 13.09 22.85
N THR B 339 13.37 13.07 22.29
CA THR B 339 12.23 12.48 22.98
C THR B 339 12.33 10.93 22.83
N GLY B 340 11.50 10.21 23.58
CA GLY B 340 11.61 8.75 23.68
C GLY B 340 11.58 8.03 22.35
N ASP B 341 10.73 8.52 21.45
CA ASP B 341 10.51 7.93 20.14
C ASP B 341 11.71 8.05 19.22
N ILE B 342 12.61 9.00 19.49
CA ILE B 342 13.79 9.21 18.63
C ILE B 342 15.09 9.03 19.40
N ALA B 343 15.00 8.44 20.59
CA ALA B 343 16.21 8.27 21.45
C ALA B 343 17.31 7.51 20.71
N THR B 344 18.55 7.95 20.92
CA THR B 344 19.75 7.45 20.24
C THR B 344 20.80 7.21 21.35
N PRO B 345 21.82 6.38 21.07
CA PRO B 345 22.78 6.11 22.19
C PRO B 345 23.47 7.37 22.67
N GLY B 346 23.48 7.56 23.99
CA GLY B 346 24.16 8.71 24.60
C GLY B 346 23.42 10.04 24.54
N CYS B 347 22.15 10.02 24.16
CA CYS B 347 21.42 11.27 23.96
C CYS B 347 21.00 11.92 25.27
N ARG B 348 20.52 13.16 25.17
CA ARG B 348 19.89 13.83 26.32
C ARG B 348 18.40 13.54 26.16
N GLN B 349 17.89 12.51 26.84
CA GLN B 349 16.47 12.17 26.68
C GLN B 349 15.58 13.09 27.49
N VAL B 350 14.54 13.63 26.84
CA VAL B 350 13.69 14.66 27.44
C VAL B 350 12.23 14.36 27.09
N GLY B 351 11.35 14.83 27.98
CA GLY B 351 9.92 14.89 27.67
C GLY B 351 9.55 16.04 26.76
N THR B 352 8.23 16.16 26.52
CA THR B 352 7.68 17.13 25.60
C THR B 352 8.08 18.57 25.97
N ALA B 353 7.87 18.94 27.22
CA ALA B 353 8.09 20.30 27.67
C ALA B 353 9.55 20.67 27.61
N ALA B 354 10.41 19.79 28.10
CA ALA B 354 11.85 20.07 28.07
C ALA B 354 12.40 20.12 26.62
N MET B 355 11.83 19.31 25.72
CA MET B 355 12.15 19.45 24.28
C MET B 355 11.74 20.83 23.75
N GLY B 356 10.52 21.26 24.08
CA GLY B 356 10.06 22.61 23.70
C GLY B 356 11.00 23.70 24.20
N ASP B 357 11.39 23.57 25.47
CA ASP B 357 12.32 24.51 26.10
C ASP B 357 13.65 24.52 25.34
N ALA B 358 14.15 23.35 24.93
CA ALA B 358 15.40 23.28 24.18
C ALA B 358 15.29 24.04 22.84
N VAL B 359 14.16 23.88 22.16
CA VAL B 359 13.91 24.59 20.92
C VAL B 359 13.88 26.11 21.18
N VAL B 360 13.19 26.58 22.22
CA VAL B 360 13.11 28.01 22.51
C VAL B 360 14.52 28.59 22.76
N ALA B 361 15.32 27.85 23.50
CA ALA B 361 16.65 28.29 23.86
C ALA B 361 17.54 28.42 22.64
N ALA B 362 17.25 27.65 21.59
CA ALA B 362 18.02 27.68 20.34
C ALA B 362 17.50 28.65 19.28
N LEU B 363 16.45 29.40 19.58
CA LEU B 363 15.92 30.41 18.66
C LEU B 363 16.93 31.56 18.45
#